data_8THS
#
_entry.id   8THS
#
_cell.length_a   72.447
_cell.length_b   106.084
_cell.length_c   123.471
_cell.angle_alpha   90.00
_cell.angle_beta   90.00
_cell.angle_gamma   90.00
#
_symmetry.space_group_name_H-M   'P 21 21 21'
#
loop_
_entity.id
_entity.type
_entity.pdbx_description
1 polymer 'KAEDE-TYPE RED FLUORESCENT PROTEIN, LEA A69T'
2 non-polymer 'NITRATE ION'
3 non-polymer DI(HYDROXYETHYL)ETHER
4 water water
#
_entity_poly.entity_id   1
_entity_poly.type   'polypeptide(L)'
_entity_poly.pdbx_seq_one_letter_code
;MSVIKSDMKIKLRMEGTVNGHKFVIEGEGEGKPYEGTQTMNLKVKEGAPLPFAYDILTTVF(CR8)NRVFTKYPKHIPDY
FKQSFPEGYSWERSMTFEDGGICTARNDITLEGDCFFNEIRFDGVNFPPNGPVMQKKTLKWEPSTEKMYVRDGVLTGDIN
MALLLEGGGHYRCDFKTTYKAKKGVQLPDYHFVDHCIEILSHDKDYNNVKLYEHAVAHSGLPRQAKHHHHHH
;
_entity_poly.pdbx_strand_id   A,B,C,D
#
loop_
_chem_comp.id
_chem_comp.type
_chem_comp.name
_chem_comp.formula
NO3 non-polymer 'NITRATE ION' 'N O3 -1'
PEG non-polymer DI(HYDROXYETHYL)ETHER 'C4 H10 O3'
#
# COMPACT_ATOMS: atom_id res chain seq x y z
N SER A 2 37.12 -4.78 -12.00
CA SER A 2 38.63 -4.86 -12.31
C SER A 2 39.51 -4.01 -11.36
N VAL A 3 39.10 -2.78 -11.03
CA VAL A 3 39.37 -2.21 -9.68
C VAL A 3 38.69 -3.13 -8.65
N ILE A 4 37.73 -3.95 -9.10
CA ILE A 4 37.05 -4.96 -8.24
C ILE A 4 37.85 -6.26 -8.23
N LYS A 5 38.51 -6.51 -7.10
CA LYS A 5 39.44 -7.63 -6.88
C LYS A 5 38.67 -8.80 -6.26
N SER A 6 39.26 -10.00 -6.25
CA SER A 6 38.57 -11.18 -5.68
CA SER A 6 38.57 -11.19 -5.68
C SER A 6 38.37 -10.99 -4.18
N ASP A 7 39.25 -10.25 -3.53
CA ASP A 7 39.10 -9.93 -2.10
C ASP A 7 39.11 -8.42 -1.96
N MET A 8 38.16 -7.89 -1.21
CA MET A 8 38.01 -6.43 -0.98
CA MET A 8 38.08 -6.43 -0.96
C MET A 8 37.65 -6.21 0.49
N LYS A 9 37.93 -5.02 0.99
CA LYS A 9 37.60 -4.61 2.37
C LYS A 9 36.37 -3.71 2.36
N ILE A 10 35.76 -3.55 3.53
CA ILE A 10 34.56 -2.73 3.70
C ILE A 10 34.67 -1.94 4.99
N LYS A 11 34.36 -0.65 4.93
CA LYS A 11 34.24 0.22 6.13
C LYS A 11 32.92 0.95 6.04
N LEU A 12 32.20 1.07 7.14
CA LEU A 12 30.90 1.78 7.09
C LEU A 12 30.59 2.53 8.36
N ARG A 13 29.79 3.54 8.18
CA ARG A 13 29.26 4.37 9.28
CA ARG A 13 29.26 4.36 9.29
C ARG A 13 27.78 4.59 9.02
N MET A 14 26.94 4.15 9.94
CA MET A 14 25.47 4.36 9.89
C MET A 14 25.13 5.35 10.98
N GLU A 15 24.41 6.39 10.62
CA GLU A 15 23.79 7.26 11.63
CA GLU A 15 23.80 7.34 11.56
C GLU A 15 22.30 7.18 11.43
N GLY A 16 21.56 7.09 12.52
CA GLY A 16 20.10 6.95 12.33
C GLY A 16 19.28 7.27 13.54
N THR A 17 17.98 7.14 13.35
CA THR A 17 16.98 7.33 14.42
C THR A 17 15.87 6.32 14.18
N VAL A 18 15.43 5.58 15.19
CA VAL A 18 14.26 4.67 15.10
C VAL A 18 13.38 5.03 16.27
N ASN A 19 12.12 5.35 15.96
N ASN A 19 12.11 5.37 16.07
CA ASN A 19 11.08 5.83 16.90
CA ASN A 19 11.22 5.66 17.21
C ASN A 19 11.72 6.84 17.87
C ASN A 19 11.80 6.84 17.99
N GLY A 20 12.52 7.77 17.31
CA GLY A 20 13.11 8.89 18.04
C GLY A 20 14.42 8.56 18.73
N HIS A 21 14.85 7.30 18.73
CA HIS A 21 16.12 6.92 19.39
C HIS A 21 17.29 7.08 18.41
N LYS A 22 18.20 7.98 18.73
CA LYS A 22 19.38 8.20 17.86
C LYS A 22 20.47 7.15 18.12
N PHE A 23 21.21 6.80 17.09
CA PHE A 23 22.36 5.88 17.26
C PHE A 23 23.34 6.06 16.11
N VAL A 24 24.53 5.53 16.34
CA VAL A 24 25.65 5.47 15.38
C VAL A 24 26.21 4.06 15.47
N ILE A 25 26.40 3.41 14.34
CA ILE A 25 27.06 2.08 14.26
C ILE A 25 28.17 2.19 13.21
N GLU A 26 29.36 1.70 13.56
CA GLU A 26 30.50 1.59 12.63
C GLU A 26 30.72 0.12 12.30
N GLY A 27 31.16 -0.15 11.08
CA GLY A 27 31.51 -1.52 10.67
C GLY A 27 32.83 -1.61 9.94
N GLU A 28 33.45 -2.78 10.04
CA GLU A 28 34.61 -3.15 9.22
C GLU A 28 34.45 -4.62 8.85
N GLY A 29 34.74 -4.93 7.60
CA GLY A 29 34.67 -6.32 7.16
C GLY A 29 35.34 -6.48 5.83
N GLU A 30 35.01 -7.57 5.21
CA GLU A 30 35.63 -7.96 3.93
C GLU A 30 34.68 -8.86 3.17
N GLY A 31 34.97 -9.03 1.89
CA GLY A 31 34.13 -9.91 1.09
C GLY A 31 34.76 -10.31 -0.21
N LYS A 32 33.99 -11.11 -0.93
CA LYS A 32 34.43 -11.74 -2.19
C LYS A 32 33.41 -11.31 -3.24
N PRO A 33 33.65 -10.20 -3.95
CA PRO A 33 32.62 -9.67 -4.85
C PRO A 33 32.12 -10.69 -5.88
N TYR A 34 33.01 -11.52 -6.43
CA TYR A 34 32.68 -12.46 -7.53
C TYR A 34 32.01 -13.72 -6.96
N GLU A 35 32.09 -13.97 -5.66
CA GLU A 35 31.37 -15.12 -5.02
C GLU A 35 30.07 -14.64 -4.40
N GLY A 36 29.88 -13.34 -4.32
CA GLY A 36 28.66 -12.79 -3.73
C GLY A 36 28.59 -13.02 -2.23
N THR A 37 29.70 -12.87 -1.51
CA THR A 37 29.76 -13.10 -0.04
C THR A 37 30.47 -11.95 0.63
N GLN A 38 30.01 -11.61 1.82
CA GLN A 38 30.72 -10.61 2.65
C GLN A 38 30.45 -10.90 4.14
N THR A 39 31.40 -10.56 4.98
CA THR A 39 31.22 -10.66 6.45
C THR A 39 31.66 -9.35 7.06
N MET A 40 30.97 -8.88 8.08
CA MET A 40 31.32 -7.61 8.74
C MET A 40 31.20 -7.70 10.26
N ASN A 41 32.03 -6.94 10.94
CA ASN A 41 31.96 -6.73 12.41
C ASN A 41 31.36 -5.35 12.63
N LEU A 42 30.29 -5.27 13.40
CA LEU A 42 29.54 -4.00 13.62
C LEU A 42 29.58 -3.63 15.08
N LYS A 43 29.85 -2.37 15.39
CA LYS A 43 29.96 -1.88 16.77
C LYS A 43 29.02 -0.69 16.96
N VAL A 44 28.18 -0.74 17.99
CA VAL A 44 27.38 0.44 18.37
C VAL A 44 28.32 1.45 19.02
N LYS A 45 28.39 2.65 18.47
CA LYS A 45 29.23 3.76 18.98
C LYS A 45 28.44 4.78 19.80
N GLU A 46 27.18 4.98 19.49
CA GLU A 46 26.28 5.90 20.22
C GLU A 46 24.91 5.25 20.26
N GLY A 47 24.17 5.45 21.35
CA GLY A 47 22.77 4.98 21.46
C GLY A 47 22.62 3.59 22.04
N ALA A 48 23.68 3.00 22.63
CA ALA A 48 23.53 1.72 23.34
C ALA A 48 22.80 1.96 24.63
N PRO A 49 21.91 1.04 25.08
CA PRO A 49 21.51 -0.16 24.35
C PRO A 49 20.43 0.13 23.31
N LEU A 50 20.51 -0.45 22.12
CA LEU A 50 19.46 -0.15 21.10
C LEU A 50 18.13 -0.70 21.62
N PRO A 51 17.03 0.09 21.54
CA PRO A 51 15.74 -0.36 22.05
C PRO A 51 14.85 -1.06 21.03
N PHE A 52 15.37 -1.33 19.85
CA PHE A 52 14.57 -1.94 18.75
C PHE A 52 15.35 -3.14 18.21
N ALA A 53 14.67 -4.02 17.46
CA ALA A 53 15.24 -5.23 16.86
C ALA A 53 16.37 -4.84 15.91
N TYR A 54 17.56 -5.33 16.19
CA TYR A 54 18.75 -5.10 15.35
C TYR A 54 18.50 -5.56 13.92
N ASP A 55 17.72 -6.63 13.73
CA ASP A 55 17.49 -7.16 12.37
C ASP A 55 16.97 -6.10 11.41
N ILE A 56 16.29 -5.05 11.86
CA ILE A 56 15.79 -4.04 10.90
C ILE A 56 16.96 -3.34 10.20
N LEU A 57 18.15 -3.35 10.77
CA LEU A 57 19.31 -2.61 10.24
C LEU A 57 20.11 -3.44 9.25
N THR A 58 20.03 -4.75 9.31
CA THR A 58 21.13 -5.60 8.77
C THR A 58 21.23 -5.53 7.24
N THR A 59 20.12 -5.47 6.53
CA THR A 59 20.16 -5.39 5.06
C THR A 59 20.63 -4.00 4.62
N VAL A 60 20.72 -3.02 5.53
CA VAL A 60 21.32 -1.70 5.18
C VAL A 60 22.84 -1.81 5.29
N PHE A 61 23.38 -2.56 6.25
CA PHE A 61 24.82 -2.81 6.31
C PHE A 61 25.21 -3.66 5.10
C11 CR8 A 62 18.11 -9.70 1.73
C12 CR8 A 62 19.42 -9.62 2.25
C4 CR8 A 62 17.69 -8.58 0.92
C5 CR8 A 62 18.53 -7.49 0.68
C6 CR8 A 62 20.23 -8.52 2.00
C7 CR8 A 62 19.80 -7.45 1.19
C8 CR8 A 62 20.56 -6.26 0.88
CA2 CR8 A 62 21.76 -5.79 1.41
C10 CR8 A 62 27.47 -8.55 5.91
O13 CR8 A 62 17.34 -10.73 1.95
N11 CR8 A 62 28.05 -7.38 5.72
C2 CR8 A 62 22.30 -4.49 1.02
N3 CR8 A 62 23.40 -4.32 1.79
C1 CR8 A 62 23.53 -5.41 2.64
N2 CR8 A 62 22.59 -6.32 2.40
C20 CR8 A 62 24.67 -7.01 4.18
C21 CR8 A 62 25.95 -7.32 4.89
N22 CR8 A 62 26.21 -8.55 5.45
C23 CR8 A 62 27.09 -6.61 5.06
O2 CR8 A 62 21.87 -3.65 0.20
N1 CR8 A 62 24.34 -4.63 4.75
CA1 CR8 A 62 24.61 -5.58 3.66
C3 CR8 A 62 24.89 -2.63 0.72
CA3 CR8 A 62 24.08 -3.07 1.94
O3 CR8 A 62 25.09 -1.42 0.58
N ASN A 63 25.40 -3.59 -0.07
CA ASN A 63 26.22 -3.25 -1.22
C ASN A 63 26.15 -4.37 -2.26
N ARG A 64 25.34 -4.19 -3.32
CA ARG A 64 25.15 -5.23 -4.34
C ARG A 64 26.41 -5.53 -5.17
N VAL A 65 27.53 -4.85 -4.99
CA VAL A 65 28.82 -5.36 -5.52
C VAL A 65 29.04 -6.81 -5.08
N PHE A 66 28.58 -7.15 -3.87
CA PHE A 66 28.74 -8.50 -3.28
C PHE A 66 27.56 -9.35 -3.74
N THR A 67 27.54 -9.61 -5.05
CA THR A 67 26.57 -10.46 -5.72
C THR A 67 27.27 -11.26 -6.81
N LYS A 68 27.05 -12.55 -6.89
CA LYS A 68 27.61 -13.38 -7.97
C LYS A 68 26.74 -13.14 -9.19
N TYR A 69 27.24 -12.38 -10.16
CA TYR A 69 26.47 -12.13 -11.41
C TYR A 69 26.96 -13.10 -12.47
N PRO A 70 26.07 -13.86 -13.13
CA PRO A 70 26.48 -14.61 -14.30
C PRO A 70 26.81 -13.68 -15.47
N LYS A 71 27.61 -14.18 -16.41
CA LYS A 71 28.16 -13.39 -17.55
C LYS A 71 27.03 -12.81 -18.41
N HIS A 72 25.90 -13.49 -18.53
CA HIS A 72 24.82 -13.08 -19.46
C HIS A 72 23.94 -11.99 -18.84
N ILE A 73 24.19 -11.58 -17.60
CA ILE A 73 23.41 -10.46 -16.98
C ILE A 73 24.37 -9.32 -16.67
N PRO A 74 24.23 -8.13 -17.28
CA PRO A 74 25.09 -6.99 -16.93
C PRO A 74 25.03 -6.73 -15.43
N ASP A 75 26.22 -6.56 -14.88
CA ASP A 75 26.45 -6.30 -13.43
C ASP A 75 26.51 -4.79 -13.24
N TYR A 76 25.40 -4.16 -12.89
CA TYR A 76 25.31 -2.68 -12.73
C TYR A 76 26.31 -2.22 -11.67
N PHE A 77 26.52 -3.04 -10.64
CA PHE A 77 27.21 -2.61 -9.42
C PHE A 77 28.71 -2.62 -9.65
N LYS A 78 29.25 -3.71 -10.21
CA LYS A 78 30.72 -3.82 -10.44
C LYS A 78 31.07 -2.82 -11.54
N GLN A 79 30.21 -2.66 -12.54
CA GLN A 79 30.44 -1.68 -13.63
C GLN A 79 30.55 -0.25 -13.08
N SER A 80 29.90 0.07 -11.98
CA SER A 80 29.82 1.45 -11.39
CA SER A 80 29.84 1.49 -11.51
C SER A 80 31.18 1.95 -10.93
N PHE A 81 32.10 1.06 -10.61
CA PHE A 81 33.41 1.43 -10.03
C PHE A 81 34.40 1.65 -11.16
N PRO A 82 35.42 2.51 -10.98
CA PRO A 82 35.79 3.12 -9.68
C PRO A 82 34.96 4.28 -9.12
N GLU A 83 34.07 4.86 -9.91
CA GLU A 83 33.37 6.11 -9.51
C GLU A 83 32.36 5.78 -8.41
N GLY A 84 31.73 4.62 -8.49
CA GLY A 84 30.81 4.12 -7.46
C GLY A 84 29.35 4.43 -7.72
N TYR A 85 28.53 4.20 -6.72
CA TYR A 85 27.05 4.32 -6.83
C TYR A 85 26.47 4.58 -5.46
N SER A 86 25.21 4.99 -5.44
CA SER A 86 24.45 5.21 -4.20
C SER A 86 23.16 4.48 -4.35
N TRP A 87 22.52 4.21 -3.24
CA TRP A 87 21.19 3.60 -3.26
C TRP A 87 20.34 4.24 -2.17
N GLU A 88 19.04 4.20 -2.44
CA GLU A 88 18.02 4.67 -1.48
C GLU A 88 17.04 3.52 -1.33
N ARG A 89 16.42 3.38 -0.16
CA ARG A 89 15.49 2.26 0.09
C ARG A 89 14.35 2.72 0.99
N SER A 90 13.17 2.19 0.72
CA SER A 90 12.03 2.23 1.63
C SER A 90 11.76 0.80 2.09
N MET A 91 11.43 0.69 3.38
CA MET A 91 11.10 -0.56 4.05
C MET A 91 9.70 -0.35 4.61
N THR A 92 8.70 -0.96 4.01
CA THR A 92 7.29 -0.82 4.40
C THR A 92 6.83 -2.05 5.18
N PHE A 93 6.80 -1.99 6.51
CA PHE A 93 6.41 -3.16 7.33
C PHE A 93 4.89 -3.25 7.36
N GLU A 94 4.40 -4.47 7.55
CA GLU A 94 2.95 -4.71 7.45
C GLU A 94 2.16 -4.06 8.59
N ASP A 95 2.80 -3.60 9.67
CA ASP A 95 2.05 -2.98 10.81
C ASP A 95 2.21 -1.46 10.81
N GLY A 96 2.63 -0.88 9.68
CA GLY A 96 2.73 0.57 9.57
C GLY A 96 4.11 1.09 9.84
N GLY A 97 5.04 0.31 10.39
CA GLY A 97 6.40 0.82 10.56
C GLY A 97 7.01 1.11 9.18
N ILE A 98 7.71 2.21 9.04
CA ILE A 98 8.31 2.60 7.75
C ILE A 98 9.74 3.03 8.05
N CYS A 99 10.69 2.51 7.28
CA CYS A 99 12.07 3.03 7.33
C CYS A 99 12.49 3.54 5.96
N THR A 100 13.33 4.56 6.00
CA THR A 100 14.08 5.05 4.84
C THR A 100 15.54 4.82 5.13
N ALA A 101 16.28 4.47 4.11
CA ALA A 101 17.72 4.25 4.28
C ALA A 101 18.42 4.64 3.01
N ARG A 102 19.70 4.95 3.13
CA ARG A 102 20.50 5.31 1.96
C ARG A 102 21.95 4.95 2.27
N ASN A 103 22.69 4.69 1.21
CA ASN A 103 24.11 4.37 1.28
C ASN A 103 24.80 5.04 0.09
N ASP A 104 25.78 5.87 0.35
CA ASP A 104 26.66 6.40 -0.71
C ASP A 104 27.96 5.59 -0.64
N ILE A 105 28.29 4.86 -1.69
CA ILE A 105 29.40 3.86 -1.70
C ILE A 105 30.53 4.35 -2.58
N THR A 106 31.69 4.55 -1.96
CA THR A 106 32.95 4.96 -2.61
C THR A 106 33.99 3.86 -2.44
N LEU A 107 35.04 3.93 -3.23
CA LEU A 107 36.12 2.92 -3.25
C LEU A 107 37.43 3.68 -3.15
N GLU A 108 38.24 3.34 -2.16
CA GLU A 108 39.60 3.90 -1.98
C GLU A 108 40.52 2.69 -1.85
N GLY A 109 41.43 2.50 -2.81
CA GLY A 109 42.26 1.29 -2.84
C GLY A 109 41.38 0.07 -2.96
N ASP A 110 41.51 -0.90 -2.05
CA ASP A 110 40.75 -2.17 -2.05
C ASP A 110 39.57 -2.09 -1.08
N CYS A 111 39.17 -0.91 -0.60
CA CYS A 111 38.15 -0.78 0.48
C CYS A 111 36.94 0.05 0.05
N PHE A 112 35.75 -0.49 0.21
CA PHE A 112 34.51 0.25 -0.02
C PHE A 112 34.23 1.05 1.23
N PHE A 113 33.89 2.31 1.07
CA PHE A 113 33.40 3.17 2.16
C PHE A 113 31.91 3.36 1.97
N ASN A 114 31.17 3.36 3.07
CA ASN A 114 29.69 3.29 3.04
C ASN A 114 29.18 4.37 4.01
N GLU A 115 28.65 5.48 3.49
CA GLU A 115 28.06 6.58 4.29
C GLU A 115 26.56 6.33 4.34
N ILE A 116 26.05 5.86 5.49
CA ILE A 116 24.67 5.37 5.60
C ILE A 116 23.84 6.25 6.55
N ARG A 117 22.60 6.48 6.16
CA ARG A 117 21.56 7.07 7.00
C ARG A 117 20.39 6.10 7.08
N PHE A 118 19.77 6.01 8.26
CA PHE A 118 18.65 5.08 8.53
C PHE A 118 17.66 5.78 9.43
N ASP A 119 16.40 5.82 9.04
CA ASP A 119 15.36 6.43 9.87
C ASP A 119 14.14 5.54 9.86
N GLY A 120 13.63 5.21 11.05
CA GLY A 120 12.40 4.41 11.19
C GLY A 120 11.35 5.11 12.01
N VAL A 121 10.11 5.06 11.54
CA VAL A 121 8.99 5.74 12.17
C VAL A 121 7.81 4.81 12.28
N ASN A 122 6.95 5.16 13.21
CA ASN A 122 5.60 4.58 13.34
C ASN A 122 5.69 3.09 13.65
N PHE A 123 6.74 2.63 14.32
CA PHE A 123 6.70 1.24 14.83
C PHE A 123 5.75 1.15 16.02
N PRO A 124 4.72 0.26 16.00
CA PRO A 124 3.87 0.16 17.17
C PRO A 124 4.64 -0.31 18.43
N PRO A 125 4.27 0.20 19.60
CA PRO A 125 5.05 -0.03 20.83
C PRO A 125 5.07 -1.51 21.23
N ASN A 126 4.02 -2.25 20.91
CA ASN A 126 3.95 -3.71 21.25
C ASN A 126 4.21 -4.56 20.00
N GLY A 127 4.68 -3.94 18.91
CA GLY A 127 5.07 -4.63 17.69
C GLY A 127 6.39 -5.37 17.87
N PRO A 128 6.71 -6.26 16.91
CA PRO A 128 7.88 -7.13 17.07
C PRO A 128 9.20 -6.40 17.03
N VAL A 129 9.23 -5.23 16.41
CA VAL A 129 10.47 -4.45 16.34
C VAL A 129 10.77 -3.82 17.68
N MET A 130 9.83 -3.06 18.27
CA MET A 130 10.13 -2.40 19.56
C MET A 130 10.20 -3.46 20.66
N GLN A 131 9.60 -4.64 20.46
CA GLN A 131 9.59 -5.68 21.53
C GLN A 131 10.70 -6.72 21.31
N LYS A 132 11.54 -6.55 20.30
CA LYS A 132 12.71 -7.44 20.01
C LYS A 132 12.29 -8.89 19.91
N LYS A 133 11.34 -9.15 19.03
CA LYS A 133 10.75 -10.49 18.83
C LYS A 133 11.29 -11.19 17.59
N THR A 134 12.21 -10.56 16.88
CA THR A 134 12.66 -11.10 15.60
C THR A 134 13.78 -12.11 15.81
N LEU A 135 13.82 -13.13 14.93
CA LEU A 135 14.90 -14.16 14.94
C LEU A 135 15.84 -13.97 13.76
N LYS A 136 15.30 -13.73 12.56
CA LYS A 136 16.15 -13.70 11.35
CA LYS A 136 16.16 -13.62 11.38
C LYS A 136 15.30 -13.21 10.18
N TRP A 137 15.95 -12.69 9.16
CA TRP A 137 15.27 -12.54 7.86
C TRP A 137 15.27 -13.91 7.20
N GLU A 138 14.15 -14.27 6.59
CA GLU A 138 14.14 -15.40 5.65
C GLU A 138 14.99 -15.02 4.44
N PRO A 139 15.46 -16.04 3.71
CA PRO A 139 16.01 -15.80 2.37
C PRO A 139 14.98 -15.08 1.52
N SER A 140 15.44 -14.43 0.48
CA SER A 140 14.56 -13.64 -0.39
C SER A 140 15.04 -13.68 -1.83
N THR A 141 14.12 -13.27 -2.70
CA THR A 141 14.42 -13.03 -4.13
C THR A 141 14.00 -11.62 -4.49
N GLU A 142 14.99 -10.79 -4.79
CA GLU A 142 14.83 -9.38 -5.23
C GLU A 142 14.58 -9.36 -6.75
N LYS A 143 13.57 -8.60 -7.16
CA LYS A 143 13.17 -8.43 -8.58
C LYS A 143 13.77 -7.10 -9.07
N MET A 144 14.70 -7.18 -10.00
CA MET A 144 15.52 -6.05 -10.48
C MET A 144 14.98 -5.63 -11.85
N TYR A 145 14.66 -4.35 -12.02
CA TYR A 145 14.19 -3.85 -13.32
C TYR A 145 14.62 -2.40 -13.46
N VAL A 146 14.72 -1.95 -14.69
CA VAL A 146 15.05 -0.51 -14.96
C VAL A 146 13.76 0.29 -15.08
N ARG A 147 13.62 1.39 -14.34
CA ARG A 147 12.42 2.29 -14.29
C ARG A 147 12.97 3.71 -14.56
N ASP A 148 12.80 4.26 -15.76
CA ASP A 148 13.28 5.66 -16.03
C ASP A 148 14.76 5.76 -15.84
N GLY A 149 15.52 4.80 -16.36
CA GLY A 149 16.97 4.81 -16.40
C GLY A 149 17.56 4.45 -15.04
N VAL A 150 16.71 4.13 -14.07
CA VAL A 150 17.04 3.90 -12.63
C VAL A 150 16.88 2.40 -12.35
N LEU A 151 17.95 1.69 -11.96
CA LEU A 151 17.78 0.27 -11.56
C LEU A 151 17.02 0.19 -10.22
N THR A 152 15.94 -0.58 -10.22
CA THR A 152 15.03 -0.68 -9.07
C THR A 152 15.03 -2.15 -8.66
N GLY A 153 15.00 -2.38 -7.34
CA GLY A 153 14.79 -3.72 -6.79
C GLY A 153 13.62 -3.74 -5.83
N ASP A 154 12.68 -4.65 -6.04
CA ASP A 154 11.56 -4.86 -5.08
C ASP A 154 11.72 -6.23 -4.42
N ILE A 155 11.43 -6.29 -3.12
CA ILE A 155 11.57 -7.56 -2.36
C ILE A 155 10.40 -7.74 -1.41
N ASN A 156 9.85 -8.94 -1.44
CA ASN A 156 8.97 -9.42 -0.34
C ASN A 156 9.87 -10.01 0.73
N MET A 157 10.07 -9.28 1.82
CA MET A 157 10.95 -9.72 2.92
C MET A 157 10.09 -10.18 4.08
N ALA A 158 10.65 -11.05 4.93
CA ALA A 158 9.90 -11.56 6.08
C ALA A 158 10.88 -11.84 7.21
N LEU A 159 10.55 -11.34 8.39
CA LEU A 159 11.26 -11.72 9.65
C LEU A 159 10.52 -12.89 10.27
N LEU A 160 11.25 -13.95 10.56
CA LEU A 160 10.76 -15.01 11.42
C LEU A 160 10.74 -14.50 12.87
N LEU A 161 9.63 -14.76 13.52
CA LEU A 161 9.40 -14.27 14.91
C LEU A 161 9.60 -15.39 15.95
N GLU A 162 9.92 -14.94 17.16
CA GLU A 162 9.92 -15.85 18.32
C GLU A 162 8.48 -16.30 18.49
N GLY A 163 8.22 -17.58 18.67
CA GLY A 163 6.79 -17.95 18.69
C GLY A 163 6.19 -18.24 17.32
N GLY A 164 6.90 -18.08 16.19
CA GLY A 164 6.81 -19.02 15.05
C GLY A 164 6.22 -18.51 13.70
N GLY A 165 5.54 -17.40 13.74
CA GLY A 165 5.00 -16.74 12.53
C GLY A 165 5.98 -15.78 11.92
N HIS A 166 5.51 -14.99 10.96
CA HIS A 166 6.35 -14.06 10.19
C HIS A 166 5.84 -12.63 10.30
N TYR A 167 6.75 -11.71 10.07
CA TYR A 167 6.46 -10.27 10.04
C TYR A 167 7.00 -9.77 8.71
N ARG A 168 6.06 -9.35 7.85
CA ARG A 168 6.35 -8.98 6.46
C ARG A 168 6.86 -7.55 6.31
N CYS A 169 7.74 -7.37 5.35
CA CYS A 169 8.22 -6.03 4.97
C CYS A 169 8.44 -6.00 3.47
N ASP A 170 7.97 -4.94 2.82
CA ASP A 170 8.22 -4.75 1.37
C ASP A 170 9.37 -3.77 1.19
N PHE A 171 10.40 -4.15 0.45
CA PHE A 171 11.54 -3.28 0.12
C PHE A 171 11.35 -2.72 -1.27
N LYS A 172 11.67 -1.45 -1.45
CA LYS A 172 11.93 -0.91 -2.79
C LYS A 172 13.23 -0.13 -2.73
N THR A 173 14.22 -0.57 -3.50
CA THR A 173 15.52 0.09 -3.55
C THR A 173 15.72 0.68 -4.93
N THR A 174 16.27 1.88 -4.99
CA THR A 174 16.72 2.50 -6.24
C THR A 174 18.23 2.60 -6.18
N TYR A 175 18.89 2.10 -7.21
CA TYR A 175 20.37 2.01 -7.31
C TYR A 175 20.80 2.98 -8.42
N LYS A 176 21.76 3.85 -8.13
CA LYS A 176 22.16 4.89 -9.11
C LYS A 176 23.69 4.96 -9.24
N ALA A 177 24.19 4.48 -10.37
CA ALA A 177 25.63 4.60 -10.72
C ALA A 177 26.01 6.07 -10.92
N LYS A 178 27.25 6.43 -10.61
CA LYS A 178 27.73 7.83 -10.76
C LYS A 178 28.10 8.07 -12.22
N LYS A 179 28.28 7.02 -13.02
CA LYS A 179 28.59 7.15 -14.47
C LYS A 179 27.77 6.17 -15.32
N GLY A 180 27.90 6.24 -16.64
CA GLY A 180 27.13 5.39 -17.56
C GLY A 180 27.58 3.93 -17.49
N VAL A 181 26.65 3.01 -17.25
CA VAL A 181 26.94 1.55 -17.27
C VAL A 181 25.93 0.85 -18.17
N GLN A 182 26.22 -0.37 -18.61
CA GLN A 182 25.25 -1.19 -19.36
C GLN A 182 24.14 -1.56 -18.36
N LEU A 183 22.90 -1.22 -18.70
CA LEU A 183 21.73 -1.49 -17.82
C LEU A 183 21.31 -2.93 -18.07
N PRO A 184 21.02 -3.69 -17.00
CA PRO A 184 20.57 -5.05 -17.24
C PRO A 184 19.09 -5.07 -17.62
N ASP A 185 18.67 -6.19 -18.18
CA ASP A 185 17.24 -6.52 -18.41
C ASP A 185 16.66 -6.98 -17.05
N TYR A 186 15.35 -7.22 -17.01
CA TYR A 186 14.70 -7.75 -15.79
C TYR A 186 15.42 -9.02 -15.31
N HIS A 187 15.72 -9.07 -14.02
CA HIS A 187 16.37 -10.26 -13.46
C HIS A 187 16.12 -10.35 -11.98
N PHE A 188 16.80 -11.29 -11.33
CA PHE A 188 16.57 -11.59 -9.91
C PHE A 188 17.89 -11.65 -9.17
N VAL A 189 17.83 -11.35 -7.88
CA VAL A 189 18.97 -11.57 -6.98
C VAL A 189 18.42 -12.35 -5.79
N ASP A 190 18.91 -13.56 -5.63
CA ASP A 190 18.63 -14.33 -4.40
C ASP A 190 19.55 -13.87 -3.28
N HIS A 191 19.03 -13.87 -2.04
CA HIS A 191 19.76 -13.41 -0.85
C HIS A 191 19.58 -14.39 0.30
N CYS A 192 20.61 -14.47 1.13
CA CYS A 192 20.56 -15.05 2.48
C CYS A 192 21.39 -14.11 3.36
N ILE A 193 20.84 -13.59 4.45
CA ILE A 193 21.63 -12.74 5.38
C ILE A 193 21.47 -13.34 6.77
N GLU A 194 22.54 -13.38 7.55
CA GLU A 194 22.51 -14.02 8.90
C GLU A 194 23.43 -13.25 9.84
N ILE A 195 22.93 -13.02 11.04
CA ILE A 195 23.81 -12.63 12.17
C ILE A 195 24.52 -13.89 12.65
N LEU A 196 25.82 -13.95 12.48
CA LEU A 196 26.59 -15.16 12.85
C LEU A 196 26.79 -15.21 14.36
N SER A 197 26.96 -14.06 15.00
CA SER A 197 27.18 -13.97 16.46
C SER A 197 26.89 -12.55 16.92
N HIS A 198 26.54 -12.40 18.17
CA HIS A 198 26.27 -11.07 18.75
C HIS A 198 26.38 -11.17 20.26
N ASP A 199 26.60 -10.04 20.91
CA ASP A 199 26.51 -9.94 22.38
C ASP A 199 25.09 -9.56 22.81
N LYS A 200 24.80 -9.53 24.14
CA LYS A 200 23.35 -9.57 24.53
C LYS A 200 22.56 -8.39 23.94
N ASP A 201 23.11 -7.17 23.99
CA ASP A 201 22.44 -5.93 23.54
C ASP A 201 22.81 -5.58 22.08
N TYR A 202 23.52 -6.45 21.38
CA TYR A 202 23.86 -6.24 19.95
C TYR A 202 24.80 -5.03 19.81
N ASN A 203 25.57 -4.73 20.85
CA ASN A 203 26.67 -3.73 20.74
C ASN A 203 27.73 -4.22 19.76
N ASN A 204 27.91 -5.55 19.66
CA ASN A 204 28.90 -6.22 18.80
C ASN A 204 28.20 -7.33 18.03
N VAL A 205 28.26 -7.26 16.70
CA VAL A 205 27.53 -8.21 15.82
C VAL A 205 28.48 -8.59 14.70
N LYS A 206 28.47 -9.85 14.33
CA LYS A 206 29.16 -10.35 13.14
C LYS A 206 28.09 -10.76 12.15
N LEU A 207 28.08 -10.16 10.97
CA LEU A 207 27.01 -10.29 9.96
C LEU A 207 27.59 -10.94 8.70
N TYR A 208 26.78 -11.74 8.01
CA TYR A 208 27.14 -12.43 6.77
C TYR A 208 26.00 -12.29 5.76
N GLU A 209 26.36 -12.07 4.50
CA GLU A 209 25.41 -12.09 3.38
C GLU A 209 25.96 -12.93 2.24
N HIS A 210 25.08 -13.66 1.58
CA HIS A 210 25.35 -14.36 0.31
C HIS A 210 24.29 -13.89 -0.66
N ALA A 211 24.68 -13.56 -1.90
CA ALA A 211 23.74 -13.12 -2.95
C ALA A 211 24.19 -13.66 -4.31
N VAL A 212 23.21 -14.08 -5.11
CA VAL A 212 23.44 -14.64 -6.46
C VAL A 212 22.36 -14.11 -7.39
N ALA A 213 22.77 -13.55 -8.52
CA ALA A 213 21.86 -13.04 -9.56
C ALA A 213 21.53 -14.17 -10.53
N HIS A 214 20.33 -14.14 -11.10
CA HIS A 214 19.86 -15.17 -12.04
C HIS A 214 18.70 -14.64 -12.88
N SER A 215 18.30 -15.43 -13.86
CA SER A 215 17.25 -15.09 -14.85
C SER A 215 15.91 -15.75 -14.53
N GLY A 216 15.80 -16.46 -13.44
CA GLY A 216 14.54 -17.13 -13.09
C GLY A 216 14.32 -18.43 -13.77
N LEU A 217 13.14 -18.98 -13.60
CA LEU A 217 12.85 -20.32 -14.13
C LEU A 217 12.72 -20.18 -15.63
N PRO A 218 13.44 -21.02 -16.40
CA PRO A 218 13.23 -21.09 -17.83
C PRO A 218 11.89 -21.78 -18.12
N ARG A 219 11.31 -21.50 -19.29
CA ARG A 219 10.11 -22.20 -19.83
C ARG A 219 10.25 -23.71 -19.57
N SER B 2 -1.45 -39.17 -4.90
CA SER B 2 -1.88 -40.64 -4.97
C SER B 2 -3.14 -40.80 -5.86
N VAL B 3 -4.23 -40.12 -5.54
CA VAL B 3 -5.24 -39.71 -6.56
C VAL B 3 -4.57 -38.71 -7.52
N ILE B 4 -3.43 -38.15 -7.16
CA ILE B 4 -2.68 -37.28 -8.12
C ILE B 4 -1.69 -38.09 -8.97
N LYS B 5 -2.02 -38.25 -10.25
CA LYS B 5 -1.26 -39.09 -11.22
C LYS B 5 -0.20 -38.25 -11.95
N SER B 6 0.69 -38.89 -12.71
CA SER B 6 1.78 -38.20 -13.44
CA SER B 6 1.79 -38.17 -13.41
C SER B 6 1.18 -37.29 -14.52
N ASP B 7 0.03 -37.70 -15.06
CA ASP B 7 -0.71 -36.94 -16.10
C ASP B 7 -2.12 -36.74 -15.61
N MET B 8 -2.61 -35.50 -15.64
CA MET B 8 -3.97 -35.14 -15.18
CA MET B 8 -3.99 -35.19 -15.23
C MET B 8 -4.58 -34.17 -16.20
N LYS B 9 -5.90 -34.13 -16.25
CA LYS B 9 -6.70 -33.20 -17.11
C LYS B 9 -7.13 -32.00 -16.26
N ILE B 10 -7.48 -30.93 -16.94
CA ILE B 10 -8.03 -29.69 -16.33
C ILE B 10 -9.26 -29.22 -17.10
N LYS B 11 -10.33 -28.85 -16.38
CA LYS B 11 -11.47 -28.12 -17.02
C LYS B 11 -11.72 -26.86 -16.20
N LEU B 12 -12.09 -25.76 -16.84
CA LEU B 12 -12.20 -24.50 -16.10
C LEU B 12 -13.29 -23.62 -16.66
N ARG B 13 -13.93 -22.88 -15.79
CA ARG B 13 -14.86 -21.79 -16.19
CA ARG B 13 -14.88 -21.80 -16.17
C ARG B 13 -14.58 -20.57 -15.32
N MET B 14 -14.31 -19.45 -15.97
CA MET B 14 -14.11 -18.14 -15.33
C MET B 14 -15.25 -17.23 -15.74
N GLU B 15 -15.89 -16.60 -14.78
CA GLU B 15 -16.82 -15.50 -15.05
CA GLU B 15 -16.90 -15.53 -14.95
C GLU B 15 -16.29 -14.26 -14.31
N GLY B 16 -16.41 -13.12 -14.95
CA GLY B 16 -15.85 -11.93 -14.34
C GLY B 16 -16.18 -10.66 -15.03
N THR B 17 -15.58 -9.60 -14.48
CA THR B 17 -15.73 -8.21 -14.98
CA THR B 17 -15.76 -8.21 -14.97
C THR B 17 -14.39 -7.52 -14.87
N VAL B 18 -14.12 -6.61 -15.77
CA VAL B 18 -12.95 -5.73 -15.69
C VAL B 18 -13.47 -4.36 -16.11
N ASN B 19 -13.43 -3.41 -15.18
CA ASN B 19 -13.90 -2.02 -15.45
C ASN B 19 -15.34 -2.10 -16.00
N GLY B 20 -16.11 -3.03 -15.42
CA GLY B 20 -17.53 -3.19 -15.72
C GLY B 20 -17.81 -4.08 -16.93
N HIS B 21 -16.79 -4.47 -17.68
CA HIS B 21 -16.96 -5.31 -18.88
C HIS B 21 -17.07 -6.78 -18.47
N LYS B 22 -18.22 -7.37 -18.75
CA LYS B 22 -18.52 -8.76 -18.35
C LYS B 22 -17.92 -9.72 -19.38
N PHE B 23 -17.52 -10.88 -18.91
CA PHE B 23 -16.99 -11.95 -19.78
C PHE B 23 -17.09 -13.30 -19.10
N VAL B 24 -17.06 -14.32 -19.94
CA VAL B 24 -16.99 -15.75 -19.54
C VAL B 24 -15.95 -16.41 -20.40
N ILE B 25 -15.05 -17.16 -19.77
CA ILE B 25 -13.98 -17.90 -20.49
C ILE B 25 -13.97 -19.33 -19.99
N GLU B 26 -13.88 -20.28 -20.91
CA GLU B 26 -13.82 -21.73 -20.61
C GLU B 26 -12.46 -22.27 -21.03
N GLY B 27 -11.93 -23.20 -20.27
CA GLY B 27 -10.61 -23.77 -20.58
C GLY B 27 -10.63 -25.28 -20.47
N GLU B 28 -9.84 -25.94 -21.27
CA GLU B 28 -9.51 -27.38 -21.08
C GLU B 28 -8.03 -27.56 -21.30
N GLY B 29 -7.42 -28.42 -20.52
CA GLY B 29 -5.98 -28.63 -20.62
C GLY B 29 -5.53 -29.89 -19.91
N GLU B 30 -4.23 -29.96 -19.73
CA GLU B 30 -3.58 -31.15 -19.17
C GLU B 30 -2.30 -30.68 -18.51
N GLY B 31 -1.77 -31.49 -17.62
CA GLY B 31 -0.51 -31.12 -16.96
C GLY B 31 0.11 -32.31 -16.26
N LYS B 32 1.29 -32.08 -15.73
CA LYS B 32 2.14 -33.09 -15.08
C LYS B 32 2.39 -32.55 -13.68
N PRO B 33 1.57 -32.94 -12.69
CA PRO B 33 1.65 -32.39 -11.34
C PRO B 33 3.07 -32.46 -10.74
N TYR B 34 3.78 -33.58 -10.93
CA TYR B 34 5.10 -33.85 -10.31
C TYR B 34 6.20 -33.12 -11.08
N GLU B 35 5.95 -32.72 -12.33
CA GLU B 35 6.97 -31.96 -13.11
C GLU B 35 6.68 -30.46 -13.00
N GLY B 36 5.55 -30.07 -12.41
CA GLY B 36 5.16 -28.66 -12.27
C GLY B 36 4.91 -27.99 -13.60
N THR B 37 4.30 -28.68 -14.54
CA THR B 37 3.96 -28.07 -15.85
C THR B 37 2.50 -28.30 -16.16
N GLN B 38 1.91 -27.36 -16.88
CA GLN B 38 0.54 -27.52 -17.41
C GLN B 38 0.32 -26.64 -18.63
N THR B 39 -0.60 -27.08 -19.49
CA THR B 39 -0.96 -26.35 -20.72
C THR B 39 -2.47 -26.32 -20.78
N MET B 40 -3.05 -25.25 -21.27
CA MET B 40 -4.51 -25.12 -21.39
C MET B 40 -4.85 -24.38 -22.69
N ASN B 41 -5.97 -24.78 -23.28
CA ASN B 41 -6.62 -24.02 -24.37
C ASN B 41 -7.81 -23.27 -23.77
N LEU B 42 -7.87 -21.97 -23.98
CA LEU B 42 -8.90 -21.09 -23.44
C LEU B 42 -9.69 -20.44 -24.55
N LYS B 43 -11.01 -20.41 -24.37
CA LYS B 43 -11.92 -19.82 -25.37
CA LYS B 43 -11.95 -19.85 -25.37
C LYS B 43 -12.86 -18.81 -24.70
N VAL B 44 -12.92 -17.62 -25.27
CA VAL B 44 -13.87 -16.62 -24.74
C VAL B 44 -15.27 -16.98 -25.19
N LYS B 45 -16.19 -17.13 -24.24
CA LYS B 45 -17.58 -17.56 -24.56
C LYS B 45 -18.54 -16.40 -24.52
N GLU B 46 -18.29 -15.44 -23.66
CA GLU B 46 -19.10 -14.22 -23.61
C GLU B 46 -18.17 -13.03 -23.40
N GLY B 47 -18.52 -11.89 -24.00
CA GLY B 47 -17.75 -10.64 -23.79
C GLY B 47 -16.74 -10.32 -24.87
N ALA B 48 -16.51 -11.20 -25.84
CA ALA B 48 -15.48 -10.93 -26.87
C ALA B 48 -15.93 -9.77 -27.74
N PRO B 49 -15.00 -8.94 -28.29
CA PRO B 49 -13.57 -9.03 -28.00
C PRO B 49 -13.19 -8.34 -26.69
N LEU B 50 -12.40 -8.99 -25.85
CA LEU B 50 -12.15 -8.45 -24.49
C LEU B 50 -11.49 -7.10 -24.65
N PRO B 51 -11.96 -6.06 -23.95
CA PRO B 51 -11.40 -4.72 -24.12
C PRO B 51 -10.27 -4.39 -23.12
N PHE B 52 -9.54 -5.39 -22.66
CA PHE B 52 -8.46 -5.23 -21.67
C PHE B 52 -7.39 -6.26 -21.99
N ALA B 53 -6.23 -6.05 -21.41
CA ALA B 53 -5.07 -6.96 -21.55
C ALA B 53 -5.41 -8.35 -21.01
N TYR B 54 -5.37 -9.37 -21.87
CA TYR B 54 -5.63 -10.77 -21.51
C TYR B 54 -4.66 -11.20 -20.42
N ASP B 55 -3.44 -10.70 -20.43
CA ASP B 55 -2.42 -11.11 -19.45
C ASP B 55 -2.91 -10.95 -18.01
N ILE B 56 -3.83 -10.05 -17.70
CA ILE B 56 -4.25 -9.91 -16.27
C ILE B 56 -4.97 -11.16 -15.81
N LEU B 57 -5.47 -11.98 -16.71
CA LEU B 57 -6.27 -13.18 -16.36
C LEU B 57 -5.39 -14.41 -16.17
N THR B 58 -4.19 -14.46 -16.75
CA THR B 58 -3.57 -15.79 -17.06
C THR B 58 -3.12 -16.52 -15.79
N THR B 59 -2.69 -15.82 -14.78
CA THR B 59 -2.27 -16.46 -13.53
C THR B 59 -3.50 -16.94 -12.75
N VAL B 60 -4.71 -16.50 -13.10
CA VAL B 60 -5.94 -17.03 -12.47
C VAL B 60 -6.26 -18.39 -13.12
N PHE B 61 -6.06 -18.54 -14.41
CA PHE B 61 -6.16 -19.83 -15.10
C PHE B 61 -5.12 -20.78 -14.55
C11 CR8 B 62 3.36 -16.50 -11.83
C12 CR8 B 62 2.76 -17.41 -12.71
C4 CR8 B 62 2.78 -16.36 -10.54
C5 CR8 B 62 1.69 -17.09 -10.18
C6 CR8 B 62 1.68 -18.17 -12.33
C7 CR8 B 62 1.10 -17.99 -11.07
C8 CR8 B 62 -0.08 -18.68 -10.51
CA2 CR8 B 62 -1.02 -19.52 -11.20
C10 CR8 B 62 -1.58 -22.99 -18.08
O13 CR8 B 62 4.43 -15.81 -12.17
N11 CR8 B 62 -2.71 -23.48 -17.63
C2 CR8 B 62 -2.21 -20.00 -10.49
N3 CR8 B 62 -2.93 -20.63 -11.46
C1 CR8 B 62 -2.25 -20.51 -12.65
N2 CR8 B 62 -1.11 -19.87 -12.54
C20 CR8 B 62 -1.62 -21.07 -15.01
C21 CR8 B 62 -1.91 -22.00 -16.15
N22 CR8 B 62 -1.08 -22.07 -17.24
C23 CR8 B 62 -2.93 -22.87 -16.40
O2 CR8 B 62 -2.57 -19.91 -9.30
N1 CR8 B 62 -3.88 -20.26 -14.42
CA1 CR8 B 62 -2.73 -21.04 -13.95
C3 CR8 B 62 -4.47 -22.24 -10.33
CA3 CR8 B 62 -4.32 -21.09 -11.30
O3 CR8 B 62 -5.57 -22.46 -9.84
N ASN B 63 -3.48 -23.13 -10.29
CA ASN B 63 -3.57 -24.34 -9.48
C ASN B 63 -2.19 -24.83 -9.10
N ARG B 64 -1.78 -24.57 -7.87
CA ARG B 64 -0.43 -24.93 -7.38
C ARG B 64 -0.24 -26.44 -7.21
N VAL B 65 -1.23 -27.28 -7.51
CA VAL B 65 -0.95 -28.74 -7.72
C VAL B 65 0.18 -28.91 -8.75
N PHE B 66 0.20 -28.03 -9.77
CA PHE B 66 1.17 -28.12 -10.89
C PHE B 66 2.39 -27.35 -10.43
N THR B 67 3.06 -27.95 -9.45
CA THR B 67 4.32 -27.39 -8.91
C THR B 67 5.22 -28.56 -8.60
N LYS B 68 6.49 -28.51 -9.01
CA LYS B 68 7.45 -29.55 -8.62
C LYS B 68 7.87 -29.27 -7.17
N TYR B 69 7.41 -30.08 -6.22
CA TYR B 69 7.78 -29.93 -4.79
C TYR B 69 8.87 -30.93 -4.46
N PRO B 70 10.00 -30.45 -3.89
CA PRO B 70 11.05 -31.35 -3.41
C PRO B 70 10.54 -32.09 -2.17
N LYS B 71 11.13 -33.25 -1.88
CA LYS B 71 10.71 -34.14 -0.77
C LYS B 71 10.74 -33.44 0.59
N HIS B 72 11.64 -32.48 0.82
CA HIS B 72 11.84 -31.88 2.17
C HIS B 72 10.88 -30.73 2.44
N ILE B 73 10.08 -30.33 1.45
CA ILE B 73 9.02 -29.29 1.66
C ILE B 73 7.66 -29.95 1.51
N PRO B 74 6.85 -29.93 2.58
CA PRO B 74 5.50 -30.46 2.51
C PRO B 74 4.70 -29.76 1.40
N ASP B 75 4.01 -30.57 0.60
CA ASP B 75 3.23 -30.13 -0.57
C ASP B 75 1.78 -29.95 -0.13
N TYR B 76 1.44 -28.72 0.24
CA TYR B 76 0.11 -28.32 0.74
C TYR B 76 -0.96 -28.72 -0.26
N PHE B 77 -0.66 -28.60 -1.54
CA PHE B 77 -1.68 -28.68 -2.61
C PHE B 77 -1.96 -30.14 -2.91
N LYS B 78 -0.92 -30.93 -3.19
CA LYS B 78 -1.13 -32.37 -3.48
C LYS B 78 -1.74 -33.08 -2.27
N GLN B 79 -1.35 -32.69 -1.06
CA GLN B 79 -1.91 -33.37 0.15
C GLN B 79 -3.41 -33.08 0.29
N SER B 80 -3.92 -31.99 -0.28
CA SER B 80 -5.30 -31.54 -0.04
C SER B 80 -6.28 -32.47 -0.74
N PHE B 81 -5.87 -33.20 -1.80
CA PHE B 81 -6.76 -34.06 -2.63
C PHE B 81 -6.88 -35.44 -1.96
N PRO B 82 -8.00 -36.18 -2.11
CA PRO B 82 -9.09 -35.86 -3.03
C PRO B 82 -10.04 -34.71 -2.66
N GLU B 83 -10.05 -34.24 -1.42
CA GLU B 83 -11.07 -33.27 -0.95
C GLU B 83 -10.87 -31.92 -1.66
N GLY B 84 -9.62 -31.54 -1.89
CA GLY B 84 -9.32 -30.35 -2.71
C GLY B 84 -9.15 -29.11 -1.88
N TYR B 85 -9.05 -27.97 -2.56
CA TYR B 85 -8.73 -26.71 -1.87
C TYR B 85 -9.32 -25.57 -2.68
N SER B 86 -9.34 -24.38 -2.10
CA SER B 86 -9.76 -23.18 -2.84
C SER B 86 -8.68 -22.14 -2.59
N TRP B 87 -8.67 -21.12 -3.39
CA TRP B 87 -7.75 -20.01 -3.15
C TRP B 87 -8.43 -18.69 -3.52
N GLU B 88 -7.98 -17.64 -2.88
CA GLU B 88 -8.42 -16.25 -3.09
C GLU B 88 -7.20 -15.42 -3.30
N ARG B 89 -7.29 -14.40 -4.15
CA ARG B 89 -6.14 -13.57 -4.48
C ARG B 89 -6.57 -12.11 -4.63
N SER B 90 -5.67 -11.23 -4.21
CA SER B 90 -5.75 -9.81 -4.61
C SER B 90 -4.55 -9.49 -5.48
N MET B 91 -4.81 -8.67 -6.50
CA MET B 91 -3.78 -8.20 -7.42
C MET B 91 -3.80 -6.69 -7.31
N THR B 92 -2.76 -6.11 -6.75
CA THR B 92 -2.69 -4.66 -6.53
C THR B 92 -1.70 -4.08 -7.53
N PHE B 93 -2.22 -3.45 -8.57
CA PHE B 93 -1.39 -2.83 -9.62
C PHE B 93 -0.90 -1.48 -9.17
N GLU B 94 0.26 -1.08 -9.67
CA GLU B 94 0.93 0.13 -9.19
C GLU B 94 0.15 1.39 -9.57
N ASP B 95 -0.76 1.35 -10.56
CA ASP B 95 -1.54 2.53 -10.98
C ASP B 95 -2.95 2.55 -10.37
N GLY B 96 -3.20 1.76 -9.33
CA GLY B 96 -4.50 1.68 -8.64
C GLY B 96 -5.48 0.65 -9.17
N GLY B 97 -5.21 -0.03 -10.28
CA GLY B 97 -6.09 -1.15 -10.68
C GLY B 97 -6.03 -2.21 -9.60
N ILE B 98 -7.15 -2.78 -9.25
CA ILE B 98 -7.21 -3.83 -8.21
C ILE B 98 -8.08 -4.94 -8.77
N CYS B 99 -7.60 -6.17 -8.70
CA CYS B 99 -8.44 -7.33 -9.01
C CYS B 99 -8.58 -8.23 -7.79
N THR B 100 -9.76 -8.81 -7.66
CA THR B 100 -10.03 -9.95 -6.78
C THR B 100 -10.26 -11.18 -7.63
N ALA B 101 -9.81 -12.33 -7.19
CA ALA B 101 -9.98 -13.59 -7.93
C ALA B 101 -10.10 -14.73 -6.91
N ARG B 102 -10.83 -15.74 -7.32
CA ARG B 102 -10.92 -16.97 -6.52
C ARG B 102 -11.07 -18.17 -7.45
N ASN B 103 -10.65 -19.31 -6.97
CA ASN B 103 -10.79 -20.59 -7.68
C ASN B 103 -11.17 -21.61 -6.63
N ASP B 104 -12.27 -22.30 -6.84
CA ASP B 104 -12.62 -23.51 -6.05
C ASP B 104 -12.27 -24.75 -6.90
N ILE B 105 -11.34 -25.57 -6.43
CA ILE B 105 -10.71 -26.65 -7.22
C ILE B 105 -11.21 -27.99 -6.65
N THR B 106 -11.86 -28.76 -7.51
CA THR B 106 -12.36 -30.12 -7.20
C THR B 106 -11.69 -31.09 -8.17
N LEU B 107 -11.70 -32.36 -7.79
CA LEU B 107 -11.12 -33.44 -8.61
C LEU B 107 -12.21 -34.48 -8.81
N GLU B 108 -12.50 -34.80 -10.06
CA GLU B 108 -13.34 -35.95 -10.46
C GLU B 108 -12.50 -36.81 -11.40
N GLY B 109 -12.23 -38.06 -11.01
CA GLY B 109 -11.39 -38.99 -11.78
C GLY B 109 -10.03 -38.35 -11.97
N ASP B 110 -9.62 -38.17 -13.21
CA ASP B 110 -8.25 -37.67 -13.52
C ASP B 110 -8.31 -36.18 -13.82
N CYS B 111 -9.44 -35.49 -13.56
CA CYS B 111 -9.67 -34.11 -14.04
C CYS B 111 -9.92 -33.10 -12.89
N PHE B 112 -9.11 -32.05 -12.83
CA PHE B 112 -9.34 -30.90 -11.93
C PHE B 112 -10.39 -29.99 -12.55
N PHE B 113 -11.41 -29.64 -11.78
CA PHE B 113 -12.46 -28.67 -12.17
C PHE B 113 -12.23 -27.38 -11.40
N ASN B 114 -12.35 -26.25 -12.09
CA ASN B 114 -11.93 -24.92 -11.60
C ASN B 114 -13.08 -23.95 -11.79
N GLU B 115 -13.73 -23.58 -10.68
CA GLU B 115 -14.82 -22.59 -10.64
C GLU B 115 -14.19 -21.26 -10.25
N ILE B 116 -14.10 -20.34 -11.18
CA ILE B 116 -13.35 -19.09 -11.00
C ILE B 116 -14.26 -17.89 -11.13
N ARG B 117 -14.00 -16.91 -10.28
CA ARG B 117 -14.56 -15.55 -10.33
C ARG B 117 -13.37 -14.59 -10.40
N PHE B 118 -13.49 -13.55 -11.22
CA PHE B 118 -12.45 -12.52 -11.42
C PHE B 118 -13.11 -11.15 -11.53
N ASP B 119 -12.67 -10.18 -10.75
CA ASP B 119 -13.25 -8.82 -10.87
C ASP B 119 -12.14 -7.81 -10.77
N GLY B 120 -12.06 -6.94 -11.75
CA GLY B 120 -11.04 -5.88 -11.75
C GLY B 120 -11.69 -4.51 -11.78
N VAL B 121 -11.18 -3.58 -10.98
CA VAL B 121 -11.73 -2.21 -10.87
C VAL B 121 -10.60 -1.18 -10.94
N ASN B 122 -11.02 0.02 -11.29
CA ASN B 122 -10.18 1.24 -11.18
C ASN B 122 -8.95 1.16 -12.11
N PHE B 123 -8.97 0.42 -13.22
CA PHE B 123 -7.88 0.56 -14.22
C PHE B 123 -8.01 1.91 -14.92
N PRO B 124 -6.92 2.69 -14.96
CA PRO B 124 -6.95 3.95 -15.70
C PRO B 124 -7.29 3.70 -17.18
N PRO B 125 -8.17 4.51 -17.78
CA PRO B 125 -8.61 4.22 -19.15
C PRO B 125 -7.49 4.26 -20.19
N ASN B 126 -6.43 5.02 -19.93
CA ASN B 126 -5.27 5.11 -20.86
C ASN B 126 -4.10 4.28 -20.35
N GLY B 127 -4.31 3.46 -19.33
CA GLY B 127 -3.25 2.62 -18.79
C GLY B 127 -3.00 1.40 -19.64
N PRO B 128 -1.94 0.64 -19.32
CA PRO B 128 -1.57 -0.50 -20.16
C PRO B 128 -2.58 -1.65 -20.20
N VAL B 129 -3.39 -1.77 -19.17
CA VAL B 129 -4.41 -2.84 -19.16
C VAL B 129 -5.51 -2.48 -20.13
N MET B 130 -6.12 -1.30 -20.00
CA MET B 130 -7.27 -0.95 -20.87
C MET B 130 -6.79 -0.65 -22.30
N GLN B 131 -5.52 -0.28 -22.49
CA GLN B 131 -4.99 -0.03 -23.85
C GLN B 131 -4.24 -1.26 -24.40
N LYS B 132 -4.24 -2.39 -23.73
CA LYS B 132 -3.69 -3.67 -24.25
C LYS B 132 -2.22 -3.49 -24.66
N LYS B 133 -1.40 -2.97 -23.77
CA LYS B 133 0.01 -2.66 -24.06
C LYS B 133 0.95 -3.67 -23.38
N THR B 134 0.45 -4.76 -22.81
CA THR B 134 1.28 -5.76 -22.09
C THR B 134 1.78 -6.81 -23.08
N LEU B 135 2.92 -7.38 -22.79
CA LEU B 135 3.53 -8.44 -23.62
C LEU B 135 3.53 -9.77 -22.89
N LYS B 136 3.87 -9.79 -21.61
CA LYS B 136 3.96 -11.05 -20.86
C LYS B 136 4.17 -10.71 -19.40
N TRP B 137 3.94 -11.70 -18.55
CA TRP B 137 4.48 -11.65 -17.18
C TRP B 137 5.93 -12.06 -17.23
N GLU B 138 6.78 -11.36 -16.50
CA GLU B 138 8.13 -11.86 -16.20
C GLU B 138 8.01 -13.06 -15.31
N PRO B 139 9.04 -13.93 -15.31
CA PRO B 139 9.12 -14.98 -14.31
C PRO B 139 9.08 -14.35 -12.92
N SER B 140 8.76 -15.16 -11.92
CA SER B 140 8.53 -14.65 -10.56
C SER B 140 8.98 -15.67 -9.52
N THR B 141 9.15 -15.19 -8.29
CA THR B 141 9.33 -16.04 -7.12
C THR B 141 8.30 -15.63 -6.08
N GLU B 142 7.41 -16.56 -5.77
CA GLU B 142 6.35 -16.45 -4.75
C GLU B 142 6.89 -16.89 -3.41
N LYS B 143 6.63 -16.08 -2.39
CA LYS B 143 7.07 -16.32 -1.02
C LYS B 143 5.88 -16.95 -0.26
N MET B 144 6.04 -18.18 0.19
CA MET B 144 4.96 -19.00 0.76
C MET B 144 5.20 -19.10 2.26
N TYR B 145 4.16 -18.83 3.04
CA TYR B 145 4.30 -18.91 4.51
C TYR B 145 2.92 -19.14 5.12
N VAL B 146 2.94 -19.77 6.28
CA VAL B 146 1.70 -20.07 7.02
C VAL B 146 1.34 -18.85 7.86
N ARG B 147 0.09 -18.48 7.79
CA ARG B 147 -0.51 -17.49 8.68
C ARG B 147 -1.93 -17.96 9.03
N ASP B 148 -2.28 -18.01 10.32
CA ASP B 148 -3.65 -18.42 10.76
C ASP B 148 -3.98 -19.80 10.25
N GLY B 149 -3.01 -20.72 10.16
CA GLY B 149 -3.28 -22.14 9.93
C GLY B 149 -3.48 -22.50 8.47
N VAL B 150 -3.36 -21.53 7.58
CA VAL B 150 -3.45 -21.72 6.11
C VAL B 150 -2.23 -21.06 5.46
N LEU B 151 -2.16 -21.17 4.16
CA LEU B 151 -0.92 -20.89 3.45
C LEU B 151 -1.12 -19.61 2.68
N THR B 152 -0.16 -18.72 2.75
CA THR B 152 -0.20 -17.42 2.06
C THR B 152 0.95 -17.38 1.07
N GLY B 153 0.70 -16.83 -0.11
CA GLY B 153 1.80 -16.52 -1.04
C GLY B 153 1.81 -15.07 -1.44
N ASP B 154 2.96 -14.44 -1.33
CA ASP B 154 3.11 -13.02 -1.78
C ASP B 154 4.04 -13.01 -2.98
N ILE B 155 3.71 -12.20 -4.01
CA ILE B 155 4.57 -12.12 -5.20
C ILE B 155 4.68 -10.69 -5.69
N ASN B 156 5.91 -10.30 -6.02
CA ASN B 156 6.22 -9.10 -6.80
C ASN B 156 6.19 -9.50 -8.27
N MET B 157 5.09 -9.21 -8.93
CA MET B 157 4.85 -9.55 -10.33
C MET B 157 5.08 -8.32 -11.21
N ALA B 158 5.46 -8.55 -12.45
CA ALA B 158 5.68 -7.45 -13.40
C ALA B 158 5.27 -7.88 -14.80
N LEU B 159 4.44 -7.08 -15.42
CA LEU B 159 4.14 -7.20 -16.86
C LEU B 159 5.17 -6.40 -17.65
N LEU B 160 5.83 -7.06 -18.61
CA LEU B 160 6.62 -6.36 -19.63
C LEU B 160 5.65 -5.61 -20.58
N LEU B 161 6.00 -4.38 -20.91
CA LEU B 161 5.15 -3.52 -21.76
C LEU B 161 5.75 -3.34 -23.13
N GLU B 162 4.87 -3.10 -24.10
CA GLU B 162 5.28 -2.43 -25.35
C GLU B 162 6.16 -1.22 -25.04
N GLY B 163 7.31 -1.16 -25.69
CA GLY B 163 8.26 -0.05 -25.54
C GLY B 163 9.36 -0.37 -24.55
N GLY B 164 9.19 -1.40 -23.73
CA GLY B 164 10.28 -1.95 -22.91
C GLY B 164 10.17 -1.75 -21.41
N GLY B 165 9.33 -0.89 -20.93
CA GLY B 165 9.23 -0.81 -19.47
C GLY B 165 8.44 -1.97 -18.83
N HIS B 166 8.20 -1.85 -17.54
CA HIS B 166 7.46 -2.83 -16.74
C HIS B 166 6.31 -2.13 -15.99
N TYR B 167 5.27 -2.90 -15.75
CA TYR B 167 4.06 -2.53 -14.98
C TYR B 167 3.93 -3.50 -13.83
N ARG B 168 4.13 -3.00 -12.61
CA ARG B 168 4.19 -3.84 -11.39
C ARG B 168 2.81 -4.16 -10.82
N CYS B 169 2.72 -5.31 -10.24
CA CYS B 169 1.53 -5.79 -9.53
C CYS B 169 1.96 -6.62 -8.33
N ASP B 170 1.33 -6.39 -7.17
CA ASP B 170 1.63 -7.21 -5.99
C ASP B 170 0.51 -8.21 -5.80
N PHE B 171 0.84 -9.50 -5.75
CA PHE B 171 -0.15 -10.56 -5.50
C PHE B 171 -0.11 -10.96 -4.04
N LYS B 172 -1.29 -11.15 -3.45
CA LYS B 172 -1.40 -11.91 -2.19
CA LYS B 172 -1.41 -11.90 -2.19
C LYS B 172 -2.47 -12.98 -2.36
N THR B 173 -2.08 -14.22 -2.17
CA THR B 173 -2.98 -15.37 -2.36
C THR B 173 -3.10 -16.11 -1.05
N THR B 174 -4.32 -16.46 -0.67
CA THR B 174 -4.57 -17.37 0.47
CA THR B 174 -4.60 -17.36 0.47
C THR B 174 -5.09 -18.70 -0.09
N TYR B 175 -4.42 -19.77 0.29
CA TYR B 175 -4.71 -21.14 -0.17
C TYR B 175 -5.28 -21.90 1.02
N LYS B 176 -6.42 -22.57 0.82
CA LYS B 176 -7.18 -23.19 1.92
C LYS B 176 -7.56 -24.62 1.56
N ALA B 177 -6.90 -25.56 2.20
CA ALA B 177 -7.14 -27.02 2.07
C ALA B 177 -8.49 -27.32 2.71
N LYS B 178 -9.26 -28.24 2.17
CA LYS B 178 -10.55 -28.64 2.76
C LYS B 178 -10.38 -29.71 3.82
N LYS B 179 -9.14 -30.10 4.14
CA LYS B 179 -8.85 -31.02 5.26
C LYS B 179 -7.49 -30.64 5.82
N GLY B 180 -7.13 -31.23 6.95
CA GLY B 180 -5.83 -31.03 7.64
C GLY B 180 -4.70 -31.60 6.82
N VAL B 181 -3.65 -30.80 6.53
CA VAL B 181 -2.41 -31.30 5.87
C VAL B 181 -1.17 -30.90 6.67
N GLN B 182 -0.02 -31.53 6.40
CA GLN B 182 1.31 -31.16 6.98
C GLN B 182 1.57 -29.76 6.43
N LEU B 183 1.71 -28.78 7.33
CA LEU B 183 1.96 -27.37 6.91
C LEU B 183 3.44 -27.22 6.61
N PRO B 184 3.78 -26.52 5.51
CA PRO B 184 5.19 -26.26 5.19
C PRO B 184 5.72 -25.06 5.98
N ASP B 185 7.01 -25.08 6.20
CA ASP B 185 7.77 -23.90 6.67
C ASP B 185 7.87 -22.92 5.49
N TYR B 186 8.26 -21.69 5.80
CA TYR B 186 8.51 -20.63 4.80
C TYR B 186 9.31 -21.24 3.64
N HIS B 187 8.85 -21.00 2.42
CA HIS B 187 9.58 -21.48 1.21
C HIS B 187 9.19 -20.65 0.00
N PHE B 188 9.61 -21.05 -1.17
CA PHE B 188 9.49 -20.26 -2.41
C PHE B 188 8.91 -21.14 -3.50
N VAL B 189 8.16 -20.52 -4.41
CA VAL B 189 7.79 -21.19 -5.68
C VAL B 189 8.21 -20.24 -6.80
N ASP B 190 9.08 -20.72 -7.68
CA ASP B 190 9.47 -20.00 -8.89
C ASP B 190 8.41 -20.33 -9.94
N HIS B 191 8.06 -19.34 -10.72
CA HIS B 191 7.07 -19.46 -11.81
C HIS B 191 7.63 -18.95 -13.13
N CYS B 192 7.14 -19.52 -14.21
CA CYS B 192 7.24 -18.94 -15.56
C CYS B 192 5.89 -19.22 -16.21
N ILE B 193 5.22 -18.23 -16.74
CA ILE B 193 3.92 -18.43 -17.42
C ILE B 193 3.99 -17.75 -18.80
N GLU B 194 3.48 -18.40 -19.82
CA GLU B 194 3.65 -17.92 -21.19
C GLU B 194 2.38 -18.23 -21.98
N ILE B 195 1.93 -17.24 -22.75
CA ILE B 195 0.94 -17.47 -23.84
C ILE B 195 1.72 -18.03 -25.01
N LEU B 196 1.50 -19.30 -25.33
CA LEU B 196 2.22 -19.99 -26.41
C LEU B 196 1.68 -19.52 -27.74
N SER B 197 0.39 -19.31 -27.79
CA SER B 197 -0.23 -18.89 -29.07
C SER B 197 -1.56 -18.23 -28.77
N HIS B 198 -1.99 -17.37 -29.67
CA HIS B 198 -3.28 -16.67 -29.52
C HIS B 198 -3.70 -16.09 -30.85
N ASP B 199 -5.01 -15.95 -31.05
CA ASP B 199 -5.53 -15.20 -32.19
C ASP B 199 -5.56 -13.71 -31.84
N LYS B 200 -5.86 -12.88 -32.84
CA LYS B 200 -5.60 -11.42 -32.72
C LYS B 200 -6.28 -10.84 -31.48
N ASP B 201 -7.54 -11.19 -31.23
CA ASP B 201 -8.34 -10.61 -30.09
C ASP B 201 -8.28 -11.50 -28.84
N TYR B 202 -7.47 -12.56 -28.84
CA TYR B 202 -7.28 -13.48 -27.67
C TYR B 202 -8.60 -14.19 -27.36
N ASN B 203 -9.42 -14.42 -28.37
CA ASN B 203 -10.60 -15.31 -28.23
C ASN B 203 -10.17 -16.75 -27.98
N ASN B 204 -9.02 -17.12 -28.52
CA ASN B 204 -8.41 -18.43 -28.38
C ASN B 204 -6.97 -18.24 -27.94
N VAL B 205 -6.62 -18.88 -26.83
CA VAL B 205 -5.29 -18.71 -26.21
C VAL B 205 -4.81 -20.09 -25.79
N LYS B 206 -3.56 -20.40 -26.10
CA LYS B 206 -2.87 -21.59 -25.53
C LYS B 206 -1.86 -21.09 -24.52
N LEU B 207 -2.01 -21.56 -23.28
CA LEU B 207 -1.30 -21.03 -22.09
C LEU B 207 -0.47 -22.15 -21.48
N TYR B 208 0.71 -21.80 -21.00
CA TYR B 208 1.67 -22.74 -20.36
C TYR B 208 2.24 -22.14 -19.06
N GLU B 209 2.38 -22.98 -18.03
CA GLU B 209 3.09 -22.57 -16.79
C GLU B 209 4.05 -23.66 -16.37
N HIS B 210 5.18 -23.23 -15.82
CA HIS B 210 6.17 -24.09 -15.15
C HIS B 210 6.35 -23.53 -13.74
N ALA B 211 6.33 -24.38 -12.73
CA ALA B 211 6.50 -23.91 -11.34
C ALA B 211 7.30 -24.94 -10.56
N VAL B 212 8.25 -24.46 -9.77
CA VAL B 212 9.14 -25.31 -8.96
C VAL B 212 9.30 -24.71 -7.57
N ALA B 213 9.05 -25.51 -6.54
CA ALA B 213 9.19 -25.04 -5.14
C ALA B 213 10.62 -25.25 -4.69
N HIS B 214 11.12 -24.43 -3.78
CA HIS B 214 12.50 -24.56 -3.27
C HIS B 214 12.67 -23.79 -1.96
N SER B 215 13.83 -23.90 -1.35
CA SER B 215 14.12 -23.32 -0.02
C SER B 215 15.00 -22.07 -0.13
N GLY B 216 15.26 -21.59 -1.32
CA GLY B 216 16.07 -20.37 -1.46
C GLY B 216 17.56 -20.60 -1.38
N LEU B 217 18.31 -19.52 -1.30
CA LEU B 217 19.76 -19.58 -1.35
C LEU B 217 20.24 -20.04 0.01
N PRO B 218 21.06 -21.10 0.11
CA PRO B 218 21.72 -21.44 1.37
C PRO B 218 22.85 -20.46 1.74
N ARG B 219 23.26 -20.47 3.01
CA ARG B 219 24.46 -19.74 3.53
C ARG B 219 25.72 -20.12 2.71
N GLN B 220 25.93 -21.43 2.49
CA GLN B 220 27.00 -21.98 1.60
C GLN B 220 26.88 -21.38 0.19
N SER C 2 -35.24 19.39 -13.73
CA SER C 2 -34.42 18.20 -13.54
C SER C 2 -35.33 16.99 -13.30
N VAL C 3 -34.86 15.86 -13.78
CA VAL C 3 -35.45 14.51 -13.52
C VAL C 3 -35.15 14.12 -12.07
N ILE C 4 -34.22 14.81 -11.40
CA ILE C 4 -33.93 14.59 -9.97
C ILE C 4 -34.90 15.41 -9.12
N LYS C 5 -35.88 14.74 -8.50
CA LYS C 5 -36.96 15.38 -7.70
C LYS C 5 -36.56 15.42 -6.23
N SER C 6 -37.28 16.21 -5.42
CA SER C 6 -36.95 16.37 -3.98
C SER C 6 -37.09 15.03 -3.27
N ASP C 7 -38.01 14.18 -3.73
CA ASP C 7 -38.24 12.83 -3.15
C ASP C 7 -38.09 11.79 -4.26
N MET C 8 -37.25 10.80 -4.04
CA MET C 8 -36.99 9.73 -5.06
CA MET C 8 -37.05 9.73 -5.06
C MET C 8 -36.99 8.37 -4.36
N LYS C 9 -37.26 7.32 -5.11
CA LYS C 9 -37.23 5.91 -4.65
C LYS C 9 -35.96 5.24 -5.14
N ILE C 10 -35.59 4.14 -4.49
CA ILE C 10 -34.36 3.37 -4.78
C ILE C 10 -34.77 1.90 -4.77
N LYS C 11 -34.33 1.14 -5.77
CA LYS C 11 -34.36 -0.33 -5.74
C LYS C 11 -32.95 -0.82 -6.01
N LEU C 12 -32.58 -1.94 -5.39
CA LEU C 12 -31.20 -2.38 -5.49
C LEU C 12 -31.14 -3.91 -5.51
N ARG C 13 -30.20 -4.47 -6.24
CA ARG C 13 -29.83 -5.90 -6.11
CA ARG C 13 -29.83 -5.90 -6.11
C ARG C 13 -28.31 -6.00 -6.06
N MET C 14 -27.80 -6.59 -4.98
CA MET C 14 -26.38 -6.92 -4.80
C MET C 14 -26.20 -8.43 -4.89
N GLU C 15 -25.29 -8.87 -5.74
CA GLU C 15 -24.81 -10.27 -5.75
C GLU C 15 -23.34 -10.22 -5.40
N GLY C 16 -22.87 -11.16 -4.59
CA GLY C 16 -21.44 -11.19 -4.30
C GLY C 16 -20.97 -12.42 -3.56
N THR C 17 -19.71 -12.36 -3.22
CA THR C 17 -18.98 -13.43 -2.51
C THR C 17 -18.11 -12.74 -1.47
N VAL C 18 -17.95 -13.34 -0.29
CA VAL C 18 -16.95 -12.87 0.72
C VAL C 18 -16.31 -14.13 1.29
N ASN C 19 -15.00 -14.28 1.15
CA ASN C 19 -14.34 -15.52 1.66
C ASN C 19 -14.99 -16.76 1.06
N GLY C 20 -15.47 -16.66 -0.19
CA GLY C 20 -16.06 -17.83 -0.88
C GLY C 20 -17.56 -17.97 -0.65
N HIS C 21 -18.13 -17.22 0.29
CA HIS C 21 -19.56 -17.35 0.65
C HIS C 21 -20.37 -16.49 -0.31
N LYS C 22 -21.22 -17.13 -1.09
CA LYS C 22 -22.07 -16.45 -2.07
C LYS C 22 -23.32 -15.90 -1.38
N PHE C 23 -23.82 -14.76 -1.84
CA PHE C 23 -25.07 -14.19 -1.30
C PHE C 23 -25.70 -13.25 -2.32
N VAL C 24 -26.98 -12.98 -2.10
CA VAL C 24 -27.75 -11.96 -2.86
C VAL C 24 -28.55 -11.17 -1.84
N ILE C 25 -28.55 -9.85 -1.97
CA ILE C 25 -29.32 -8.93 -1.11
C ILE C 25 -30.10 -7.97 -1.99
N GLU C 26 -31.37 -7.74 -1.65
CA GLU C 26 -32.23 -6.80 -2.38
C GLU C 26 -32.59 -5.68 -1.42
N GLY C 27 -32.75 -4.48 -1.96
CA GLY C 27 -33.12 -3.33 -1.14
C GLY C 27 -34.20 -2.51 -1.80
N GLU C 28 -34.96 -1.83 -0.98
CA GLU C 28 -35.89 -0.78 -1.47
C GLU C 28 -35.82 0.36 -0.47
N GLY C 29 -35.88 1.58 -0.98
CA GLY C 29 -35.76 2.71 -0.07
C GLY C 29 -36.23 3.98 -0.71
N GLU C 30 -35.90 5.07 -0.06
CA GLU C 30 -36.31 6.41 -0.51
C GLU C 30 -35.21 7.38 -0.06
N GLY C 31 -35.14 8.54 -0.68
CA GLY C 31 -34.28 9.60 -0.15
C GLY C 31 -34.63 10.97 -0.69
N LYS C 32 -33.84 11.94 -0.26
CA LYS C 32 -33.99 13.37 -0.56
C LYS C 32 -32.70 13.85 -1.17
N PRO C 33 -32.57 13.76 -2.52
CA PRO C 33 -31.28 14.03 -3.16
C PRO C 33 -30.64 15.37 -2.77
N TYR C 34 -31.44 16.41 -2.65
CA TYR C 34 -30.93 17.79 -2.41
C TYR C 34 -30.65 18.00 -0.94
N GLU C 35 -31.18 17.13 -0.08
CA GLU C 35 -30.82 17.16 1.37
C GLU C 35 -29.68 16.20 1.67
N GLY C 36 -29.30 15.32 0.75
CA GLY C 36 -28.19 14.39 1.00
C GLY C 36 -28.56 13.30 1.98
N THR C 37 -29.80 12.84 1.98
CA THR C 37 -30.23 11.74 2.89
C THR C 37 -30.91 10.61 2.12
N GLN C 38 -30.78 9.40 2.63
CA GLN C 38 -31.51 8.23 2.10
C GLN C 38 -31.61 7.15 3.17
N THR C 39 -32.70 6.38 3.08
CA THR C 39 -32.99 5.24 3.97
C THR C 39 -33.36 4.04 3.10
N MET C 40 -32.91 2.85 3.47
CA MET C 40 -33.18 1.63 2.70
C MET C 40 -33.47 0.48 3.65
N ASN C 41 -34.39 -0.37 3.23
CA ASN C 41 -34.67 -1.68 3.86
C ASN C 41 -34.00 -2.74 3.00
N LEU C 42 -33.14 -3.55 3.60
CA LEU C 42 -32.34 -4.58 2.89
C LEU C 42 -32.71 -5.97 3.38
N LYS C 43 -32.92 -6.88 2.46
CA LYS C 43 -33.32 -8.28 2.79
C LYS C 43 -32.30 -9.21 2.15
N VAL C 44 -31.73 -10.12 2.94
CA VAL C 44 -30.86 -11.21 2.38
C VAL C 44 -31.77 -12.21 1.68
N LYS C 45 -31.54 -12.45 0.39
CA LYS C 45 -32.39 -13.34 -0.43
C LYS C 45 -31.73 -14.71 -0.60
N GLU C 46 -30.40 -14.76 -0.70
CA GLU C 46 -29.63 -16.02 -0.80
C GLU C 46 -28.40 -15.89 0.09
N GLY C 47 -27.99 -17.01 0.68
CA GLY C 47 -26.72 -17.07 1.45
C GLY C 47 -26.92 -16.72 2.91
N ALA C 48 -28.15 -16.71 3.41
CA ALA C 48 -28.38 -16.45 4.85
C ALA C 48 -27.96 -17.67 5.65
N PRO C 49 -27.44 -17.56 6.89
CA PRO C 49 -27.04 -16.28 7.48
C PRO C 49 -25.65 -15.87 6.98
N LEU C 50 -25.46 -14.58 6.76
CA LEU C 50 -24.13 -14.10 6.30
C LEU C 50 -23.09 -14.40 7.39
N PRO C 51 -21.94 -14.98 7.02
CA PRO C 51 -20.91 -15.32 8.00
C PRO C 51 -19.89 -14.23 8.28
N PHE C 52 -20.16 -13.03 7.83
CA PHE C 52 -19.19 -11.90 7.89
C PHE C 52 -19.93 -10.64 8.36
N ALA C 53 -19.16 -9.65 8.78
CA ALA C 53 -19.65 -8.35 9.26
C ALA C 53 -20.44 -7.64 8.16
N TYR C 54 -21.72 -7.46 8.38
CA TYR C 54 -22.64 -6.75 7.46
C TYR C 54 -22.09 -5.34 7.13
N ASP C 55 -21.41 -4.72 8.08
CA ASP C 55 -20.88 -3.36 7.89
C ASP C 55 -20.00 -3.31 6.63
N ILE C 56 -19.34 -4.40 6.21
CA ILE C 56 -18.47 -4.23 4.99
C ILE C 56 -19.32 -3.92 3.77
N LEU C 57 -20.62 -4.21 3.76
CA LEU C 57 -21.51 -4.03 2.58
C LEU C 57 -22.14 -2.63 2.53
N THR C 58 -22.30 -1.97 3.67
CA THR C 58 -23.29 -0.88 3.78
C THR C 58 -22.96 0.31 2.90
N THR C 59 -21.69 0.66 2.70
CA THR C 59 -21.36 1.83 1.85
C THR C 59 -21.46 1.46 0.38
N VAL C 60 -21.70 0.19 0.05
CA VAL C 60 -21.98 -0.20 -1.34
C VAL C 60 -23.48 -0.02 -1.61
N PHE C 61 -24.35 -0.24 -0.61
CA PHE C 61 -25.78 0.04 -0.74
C PHE C 61 -25.97 1.55 -0.84
C11 CR8 C 62 -19.11 6.77 4.04
C12 CR8 C 62 -20.49 6.49 3.93
C4 CR8 C 62 -18.36 6.74 2.89
C5 CR8 C 62 -18.93 6.44 1.69
C6 CR8 C 62 -21.04 6.11 2.76
C7 CR8 C 62 -20.28 6.15 1.58
C8 CR8 C 62 -20.75 5.80 0.26
CA2 CR8 C 62 -21.98 5.23 -0.15
C10 CR8 C 62 -28.96 4.02 2.97
O13 CR8 C 62 -18.56 7.08 5.22
N11 CR8 C 62 -29.29 3.56 1.78
C2 CR8 C 62 -22.18 4.92 -1.56
N3 CR8 C 62 -23.44 4.36 -1.59
C1 CR8 C 62 -23.95 4.34 -0.25
N2 CR8 C 62 -23.08 4.84 0.58
C20 CR8 C 62 -25.66 4.16 1.53
C21 CR8 C 62 -27.09 3.96 1.82
N22 CR8 C 62 -27.66 4.32 3.02
C23 CR8 C 62 -28.10 3.46 1.08
O2 CR8 C 62 -21.45 5.02 -2.54
N1 CR8 C 62 -25.21 2.29 -0.03
CA1 CR8 C 62 -25.27 3.75 0.13
C3 CR8 C 62 -24.37 4.47 -3.86
CA3 CR8 C 62 -23.90 3.60 -2.71
O3 CR8 C 62 -24.40 3.95 -4.99
N ASN C 63 -24.81 5.72 -3.64
CA ASN C 63 -25.20 6.56 -4.75
C ASN C 63 -25.06 8.04 -4.36
N ARG C 64 -23.99 8.67 -4.85
CA ARG C 64 -23.62 10.06 -4.50
C ARG C 64 -24.66 11.06 -5.06
N VAL C 65 -25.69 10.64 -5.79
CA VAL C 65 -26.88 11.54 -6.00
C VAL C 65 -27.40 12.05 -4.66
N PHE C 66 -27.33 11.21 -3.62
CA PHE C 66 -27.85 11.56 -2.27
C PHE C 66 -26.74 12.28 -1.51
N THR C 67 -26.42 13.47 -1.99
CA THR C 67 -25.38 14.34 -1.43
C THR C 67 -25.86 15.76 -1.57
N LYS C 68 -25.86 16.54 -0.48
CA LYS C 68 -26.19 17.98 -0.59
C LYS C 68 -24.99 18.69 -1.20
N TYR C 69 -25.10 19.19 -2.43
CA TYR C 69 -24.02 19.96 -3.12
C TYR C 69 -24.36 21.43 -3.02
N PRO C 70 -23.40 22.26 -2.58
CA PRO C 70 -23.56 23.70 -2.60
C PRO C 70 -23.43 24.18 -4.06
N LYS C 71 -24.03 25.31 -4.38
CA LYS C 71 -24.13 25.77 -5.79
C LYS C 71 -22.74 26.00 -6.39
N HIS C 72 -21.71 26.27 -5.58
CA HIS C 72 -20.38 26.65 -6.13
C HIS C 72 -19.54 25.43 -6.49
N ILE C 73 -20.04 24.22 -6.27
CA ILE C 73 -19.34 22.97 -6.68
C ILE C 73 -20.23 22.23 -7.65
N PRO C 74 -19.76 22.01 -8.88
CA PRO C 74 -20.51 21.21 -9.84
C PRO C 74 -20.89 19.84 -9.28
N ASP C 75 -22.15 19.45 -9.48
CA ASP C 75 -22.70 18.20 -8.91
C ASP C 75 -22.62 17.17 -10.04
N TYR C 76 -21.53 16.41 -10.08
CA TYR C 76 -21.24 15.42 -11.14
C TYR C 76 -22.38 14.40 -11.23
N PHE C 77 -22.94 14.06 -10.06
CA PHE C 77 -23.88 12.94 -9.90
C PHE C 77 -25.27 13.35 -10.38
N LYS C 78 -25.81 14.47 -9.90
CA LYS C 78 -27.15 14.90 -10.37
C LYS C 78 -27.09 15.23 -11.87
N GLN C 79 -25.99 15.81 -12.35
CA GLN C 79 -25.87 16.19 -13.78
C GLN C 79 -25.87 14.91 -14.64
N SER C 80 -25.55 13.74 -14.09
CA SER C 80 -25.38 12.46 -14.83
CA SER C 80 -25.37 12.52 -14.91
C SER C 80 -26.72 11.95 -15.34
N PHE C 81 -27.81 12.43 -14.75
CA PHE C 81 -29.17 11.93 -15.06
C PHE C 81 -29.80 12.86 -16.09
N PRO C 82 -30.67 12.35 -17.00
CA PRO C 82 -31.23 11.00 -16.91
C PRO C 82 -30.40 9.76 -17.31
N GLU C 83 -29.28 9.95 -18.01
CA GLU C 83 -28.59 8.81 -18.65
C GLU C 83 -28.00 7.90 -17.57
N GLY C 84 -27.60 8.45 -16.44
CA GLY C 84 -27.05 7.68 -15.30
C GLY C 84 -25.54 7.64 -15.28
N TYR C 85 -25.00 6.86 -14.34
CA TYR C 85 -23.55 6.70 -14.15
C TYR C 85 -23.35 5.35 -13.49
N SER C 86 -22.07 4.97 -13.44
CA SER C 86 -21.63 3.75 -12.74
CA SER C 86 -21.62 3.74 -12.76
C SER C 86 -20.45 4.13 -11.87
N TRP C 87 -20.20 3.34 -10.86
CA TRP C 87 -18.98 3.52 -10.07
C TRP C 87 -18.39 2.16 -9.76
N GLU C 88 -17.09 2.20 -9.51
CA GLU C 88 -16.26 1.04 -9.15
C GLU C 88 -15.47 1.44 -7.92
N ARG C 89 -15.19 0.49 -7.03
CA ARG C 89 -14.51 0.77 -5.76
C ARG C 89 -13.61 -0.38 -5.36
N SER C 90 -12.45 0.00 -4.83
CA SER C 90 -11.63 -0.93 -4.05
C SER C 90 -11.67 -0.51 -2.57
N MET C 91 -11.75 -1.51 -1.71
CA MET C 91 -11.73 -1.35 -0.25
C MET C 91 -10.53 -2.13 0.26
N THR C 92 -9.49 -1.44 0.71
CA THR C 92 -8.23 -2.06 1.15
C THR C 92 -8.21 -2.01 2.66
N PHE C 93 -8.53 -3.12 3.31
CA PHE C 93 -8.47 -3.16 4.78
C PHE C 93 -7.04 -3.36 5.28
N GLU C 94 -6.77 -2.86 6.49
CA GLU C 94 -5.38 -2.80 7.03
C GLU C 94 -4.81 -4.20 7.30
N ASP C 95 -5.64 -5.22 7.42
CA ASP C 95 -5.19 -6.63 7.66
C ASP C 95 -5.17 -7.46 6.36
N GLY C 96 -5.21 -6.82 5.21
CA GLY C 96 -5.07 -7.55 3.92
C GLY C 96 -6.40 -7.88 3.25
N GLY C 97 -7.53 -7.83 3.95
CA GLY C 97 -8.84 -8.04 3.33
C GLY C 97 -9.00 -7.02 2.21
N ILE C 98 -9.39 -7.49 1.03
CA ILE C 98 -9.64 -6.58 -0.13
C ILE C 98 -11.05 -6.87 -0.62
N CYS C 99 -11.81 -5.81 -0.92
CA CYS C 99 -13.09 -5.93 -1.62
C CYS C 99 -13.11 -5.08 -2.88
N THR C 100 -13.69 -5.63 -3.93
CA THR C 100 -14.05 -4.87 -5.14
C THR C 100 -15.55 -4.73 -5.13
N ALA C 101 -16.08 -3.63 -5.64
CA ALA C 101 -17.53 -3.39 -5.69
C ALA C 101 -17.80 -2.54 -6.91
N ARG C 102 -18.97 -2.73 -7.48
CA ARG C 102 -19.40 -1.80 -8.52
C ARG C 102 -20.91 -1.64 -8.44
N ASN C 103 -21.38 -0.50 -8.93
CA ASN C 103 -22.83 -0.22 -9.02
C ASN C 103 -23.10 0.45 -10.36
N ASP C 104 -24.02 -0.10 -11.14
CA ASP C 104 -24.53 0.50 -12.39
CA ASP C 104 -24.51 0.55 -12.38
C ASP C 104 -25.89 1.13 -12.06
N ILE C 105 -25.95 2.45 -12.10
CA ILE C 105 -27.15 3.18 -11.59
C ILE C 105 -27.91 3.74 -12.78
N THR C 106 -29.17 3.37 -12.87
CA THR C 106 -30.12 3.93 -13.84
C THR C 106 -31.31 4.58 -13.12
N LEU C 107 -32.05 5.37 -13.84
CA LEU C 107 -33.28 6.03 -13.36
C LEU C 107 -34.45 5.64 -14.27
N GLU C 108 -35.51 5.06 -13.70
CA GLU C 108 -36.80 4.80 -14.38
C GLU C 108 -37.84 5.59 -13.58
N GLY C 109 -38.45 6.61 -14.18
CA GLY C 109 -39.43 7.45 -13.47
C GLY C 109 -38.80 8.08 -12.24
N ASP C 110 -39.35 7.85 -11.05
CA ASP C 110 -38.81 8.50 -9.82
C ASP C 110 -37.89 7.53 -9.07
N CYS C 111 -37.48 6.41 -9.66
CA CYS C 111 -36.76 5.34 -8.93
C CYS C 111 -35.39 5.07 -9.52
N PHE C 112 -34.35 5.13 -8.69
CA PHE C 112 -33.01 4.66 -9.05
C PHE C 112 -33.00 3.15 -8.97
N PHE C 113 -32.47 2.50 -9.99
CA PHE C 113 -32.15 1.05 -9.99
C PHE C 113 -30.63 0.88 -9.88
N ASN C 114 -30.20 -0.11 -9.09
CA ASN C 114 -28.81 -0.26 -8.67
C ASN C 114 -28.43 -1.72 -8.88
N GLU C 115 -27.57 -2.00 -9.85
CA GLU C 115 -27.09 -3.36 -10.18
C GLU C 115 -25.70 -3.48 -9.57
N ILE C 116 -25.54 -4.25 -8.51
CA ILE C 116 -24.31 -4.24 -7.67
C ILE C 116 -23.64 -5.60 -7.69
N ARG C 117 -22.34 -5.57 -7.84
CA ARG C 117 -21.46 -6.73 -7.59
C ARG C 117 -20.51 -6.37 -6.44
N PHE C 118 -20.34 -7.31 -5.52
CA PHE C 118 -19.42 -7.16 -4.38
C PHE C 118 -18.58 -8.44 -4.19
N ASP C 119 -17.25 -8.32 -4.09
CA ASP C 119 -16.41 -9.51 -3.86
C ASP C 119 -15.34 -9.15 -2.83
N GLY C 120 -15.23 -9.98 -1.78
CA GLY C 120 -14.21 -9.80 -0.75
C GLY C 120 -13.31 -11.01 -0.60
N VAL C 121 -12.01 -10.77 -0.53
CA VAL C 121 -10.99 -11.86 -0.40
C VAL C 121 -10.00 -11.55 0.73
N ASN C 122 -9.33 -12.61 1.21
CA ASN C 122 -8.15 -12.54 2.09
C ASN C 122 -8.53 -11.94 3.46
N PHE C 123 -9.77 -12.09 3.92
CA PHE C 123 -10.12 -11.70 5.30
C PHE C 123 -9.56 -12.75 6.26
N PRO C 124 -8.72 -12.35 7.24
CA PRO C 124 -8.19 -13.32 8.18
C PRO C 124 -9.32 -13.98 8.98
N PRO C 125 -9.25 -15.30 9.23
CA PRO C 125 -10.39 -16.02 9.77
C PRO C 125 -10.75 -15.55 11.19
N ASN C 126 -9.80 -14.98 11.91
CA ASN C 126 -10.05 -14.50 13.30
C ASN C 126 -10.06 -12.99 13.35
N GLY C 127 -10.15 -12.33 12.19
CA GLY C 127 -10.21 -10.87 12.18
C GLY C 127 -11.65 -10.39 12.38
N PRO C 128 -11.82 -9.07 12.53
CA PRO C 128 -13.09 -8.49 12.94
C PRO C 128 -14.20 -8.70 11.92
N VAL C 129 -13.84 -8.91 10.66
CA VAL C 129 -14.90 -9.09 9.63
C VAL C 129 -15.47 -10.51 9.75
N MET C 130 -14.63 -11.53 9.74
CA MET C 130 -15.12 -12.92 9.80
C MET C 130 -15.69 -13.22 11.20
N GLN C 131 -15.22 -12.51 12.25
CA GLN C 131 -15.72 -12.76 13.63
C GLN C 131 -16.87 -11.78 14.00
N LYS C 132 -17.32 -10.95 13.06
CA LYS C 132 -18.47 -10.03 13.27
C LYS C 132 -18.24 -9.23 14.54
N LYS C 133 -17.12 -8.52 14.62
CA LYS C 133 -16.75 -7.69 15.81
C LYS C 133 -16.85 -6.20 15.49
N THR C 134 -17.47 -5.79 14.40
CA THR C 134 -17.57 -4.37 14.01
C THR C 134 -18.87 -3.77 14.62
N LEU C 135 -18.82 -2.50 15.00
CA LEU C 135 -20.00 -1.79 15.55
C LEU C 135 -20.59 -0.84 14.51
N LYS C 136 -19.76 -0.05 13.85
CA LYS C 136 -20.25 0.96 12.88
C LYS C 136 -19.06 1.53 12.12
N TRP C 137 -19.33 2.15 10.98
CA TRP C 137 -18.32 3.06 10.36
C TRP C 137 -18.34 4.36 11.14
N GLU C 138 -17.16 4.92 11.40
CA GLU C 138 -17.06 6.33 11.81
C GLU C 138 -17.52 7.21 10.66
N PRO C 139 -17.96 8.45 10.95
CA PRO C 139 -18.15 9.46 9.92
C PRO C 139 -16.81 9.62 9.16
N SER C 140 -16.90 10.12 7.94
CA SER C 140 -15.72 10.24 7.06
C SER C 140 -15.79 11.50 6.22
N THR C 141 -14.63 11.85 5.69
CA THR C 141 -14.53 12.87 4.62
C THR C 141 -13.84 12.26 3.39
N GLU C 142 -14.56 12.21 2.29
CA GLU C 142 -14.09 11.72 1.00
C GLU C 142 -13.45 12.87 0.21
N LYS C 143 -12.28 12.63 -0.38
CA LYS C 143 -11.54 13.61 -1.20
C LYS C 143 -11.82 13.30 -2.67
N MET C 144 -12.52 14.22 -3.34
CA MET C 144 -13.04 14.11 -4.71
C MET C 144 -12.15 14.91 -5.67
N TYR C 145 -11.65 14.26 -6.72
CA TYR C 145 -10.77 14.95 -7.69
C TYR C 145 -10.91 14.25 -9.04
N VAL C 146 -10.69 15.01 -10.10
CA VAL C 146 -10.81 14.46 -11.47
C VAL C 146 -9.45 13.91 -11.86
N ARG C 147 -9.40 12.70 -12.38
CA ARG C 147 -8.09 12.21 -12.77
C ARG C 147 -8.05 11.94 -14.27
N ASP C 148 -8.67 10.89 -14.78
CA ASP C 148 -8.44 10.68 -16.24
C ASP C 148 -9.64 11.21 -16.99
N GLY C 149 -10.08 12.45 -16.71
N GLY C 149 -10.02 12.46 -16.71
CA GLY C 149 -11.39 12.98 -17.17
CA GLY C 149 -11.43 12.86 -16.81
C GLY C 149 -12.55 12.34 -16.43
C GLY C 149 -12.29 11.83 -16.07
N VAL C 150 -12.17 11.50 -15.46
N VAL C 150 -11.74 11.11 -15.08
CA VAL C 150 -12.97 10.61 -14.58
CA VAL C 150 -12.50 10.11 -14.27
C VAL C 150 -12.81 11.14 -13.14
C VAL C 150 -12.68 10.70 -12.86
N LEU C 151 -13.90 11.12 -12.44
CA LEU C 151 -14.04 11.57 -11.04
C LEU C 151 -13.67 10.44 -10.07
N THR C 152 -12.80 10.75 -9.13
CA THR C 152 -12.22 9.79 -8.17
C THR C 152 -12.47 10.32 -6.76
N GLY C 153 -12.82 9.40 -5.87
CA GLY C 153 -12.93 9.68 -4.44
C GLY C 153 -12.06 8.76 -3.63
N ASP C 154 -11.25 9.32 -2.74
CA ASP C 154 -10.43 8.52 -1.81
C ASP C 154 -10.95 8.80 -0.41
N ILE C 155 -11.03 7.75 0.43
CA ILE C 155 -11.50 7.90 1.84
C ILE C 155 -10.63 7.10 2.77
N ASN C 156 -10.23 7.71 3.87
CA ASN C 156 -9.74 6.95 5.05
C ASN C 156 -10.94 6.57 5.93
N MET C 157 -11.40 5.32 5.85
CA MET C 157 -12.56 4.79 6.57
C MET C 157 -12.10 4.03 7.82
N ALA C 158 -12.96 3.94 8.80
CA ALA C 158 -12.63 3.18 10.02
C ALA C 158 -13.89 2.59 10.61
N LEU C 159 -13.79 1.31 10.94
CA LEU C 159 -14.85 0.63 11.73
C LEU C 159 -14.47 0.66 13.18
N LEU C 160 -15.39 1.16 14.00
CA LEU C 160 -15.31 0.98 15.47
C LEU C 160 -15.59 -0.49 15.80
N LEU C 161 -14.78 -1.03 16.67
CA LEU C 161 -14.83 -2.46 17.04
C LEU C 161 -15.42 -2.63 18.43
N GLU C 162 -16.00 -3.82 18.61
CA GLU C 162 -16.41 -4.30 19.96
C GLU C 162 -15.15 -4.34 20.82
N GLY C 163 -15.17 -3.69 21.97
CA GLY C 163 -13.97 -3.70 22.82
C GLY C 163 -13.08 -2.49 22.63
N GLY C 164 -13.25 -1.65 21.58
N GLY C 164 -13.40 -1.66 21.67
CA GLY C 164 -12.92 -0.20 21.62
CA GLY C 164 -12.68 -0.41 21.48
C GLY C 164 -12.05 0.36 20.47
C GLY C 164 -11.67 -0.58 20.38
N GLY C 165 -11.30 -0.49 19.80
N GLY C 165 -11.15 0.55 19.95
CA GLY C 165 -10.33 -0.03 18.79
CA GLY C 165 -10.21 0.64 18.85
C GLY C 165 -10.99 0.33 17.48
C GLY C 165 -10.95 0.49 17.54
N HIS C 166 -10.18 0.70 16.50
CA HIS C 166 -10.65 0.90 15.11
C HIS C 166 -9.94 -0.08 14.21
N TYR C 167 -10.64 -0.37 13.13
CA TYR C 167 -10.19 -1.21 12.02
C TYR C 167 -10.28 -0.36 10.77
N ARG C 168 -9.13 -0.03 10.19
CA ARG C 168 -9.00 0.92 9.06
C ARG C 168 -9.19 0.25 7.68
N CYS C 169 -9.78 1.01 6.78
CA CYS C 169 -9.99 0.63 5.38
C CYS C 169 -9.77 1.87 4.54
N ASP C 170 -9.06 1.71 3.43
CA ASP C 170 -8.88 2.78 2.44
C ASP C 170 -9.77 2.50 1.24
N PHE C 171 -10.61 3.47 0.92
CA PHE C 171 -11.49 3.37 -0.27
C PHE C 171 -10.93 4.22 -1.41
N LYS C 172 -10.94 3.64 -2.61
CA LYS C 172 -10.79 4.39 -3.86
C LYS C 172 -11.98 4.07 -4.73
N THR C 173 -12.74 5.10 -5.08
CA THR C 173 -13.90 4.95 -5.97
C THR C 173 -13.71 5.74 -7.25
N THR C 174 -14.02 5.15 -8.40
CA THR C 174 -14.07 5.92 -9.67
C THR C 174 -15.53 6.03 -10.09
N TYR C 175 -15.96 7.22 -10.41
CA TYR C 175 -17.37 7.55 -10.75
C TYR C 175 -17.37 7.97 -12.21
N LYS C 176 -18.21 7.36 -13.03
CA LYS C 176 -18.19 7.56 -14.49
C LYS C 176 -19.60 7.83 -15.02
N ALA C 177 -19.86 9.06 -15.39
CA ALA C 177 -21.13 9.45 -16.02
C ALA C 177 -21.23 8.81 -17.42
N LYS C 178 -22.43 8.46 -17.86
CA LYS C 178 -22.63 7.86 -19.20
C LYS C 178 -22.39 8.95 -20.25
N LYS C 179 -22.64 10.22 -19.94
CA LYS C 179 -22.47 11.36 -20.89
C LYS C 179 -21.58 12.42 -20.26
N GLY C 180 -20.97 13.27 -21.08
CA GLY C 180 -20.18 14.42 -20.65
C GLY C 180 -20.93 15.31 -19.66
N VAL C 181 -20.29 15.61 -18.53
CA VAL C 181 -20.89 16.44 -17.46
C VAL C 181 -19.87 17.52 -17.05
N GLN C 182 -20.29 18.61 -16.42
CA GLN C 182 -19.32 19.60 -15.93
C GLN C 182 -18.45 18.93 -14.84
N LEU C 183 -17.13 19.04 -14.93
CA LEU C 183 -16.20 18.40 -13.97
C LEU C 183 -15.93 19.36 -12.83
N PRO C 184 -16.03 18.86 -11.58
CA PRO C 184 -15.77 19.69 -10.41
C PRO C 184 -14.28 19.77 -10.11
N ASP C 185 -13.85 20.89 -9.54
CA ASP C 185 -12.50 21.01 -8.95
C ASP C 185 -12.46 20.12 -7.72
N TYR C 186 -11.26 19.93 -7.21
CA TYR C 186 -11.01 19.18 -5.97
C TYR C 186 -11.97 19.68 -4.88
N HIS C 187 -12.62 18.73 -4.22
CA HIS C 187 -13.59 19.04 -3.13
C HIS C 187 -13.72 17.83 -2.21
N PHE C 188 -14.66 17.94 -1.27
CA PHE C 188 -14.85 16.99 -0.17
C PHE C 188 -16.32 16.61 -0.07
N VAL C 189 -16.56 15.39 0.34
CA VAL C 189 -17.93 14.96 0.70
C VAL C 189 -17.83 14.37 2.11
N ASP C 190 -18.49 14.99 3.06
CA ASP C 190 -18.62 14.40 4.42
C ASP C 190 -19.72 13.36 4.40
N HIS C 191 -19.55 12.30 5.18
CA HIS C 191 -20.50 11.19 5.25
C HIS C 191 -20.78 10.82 6.71
N CYS C 192 -21.97 10.33 6.95
CA CYS C 192 -22.31 9.50 8.13
C CYS C 192 -23.26 8.40 7.67
N ILE C 193 -22.95 7.15 7.95
CA ILE C 193 -23.81 6.00 7.58
C ILE C 193 -24.12 5.25 8.87
N GLU C 194 -25.37 4.78 9.01
CA GLU C 194 -25.75 4.06 10.24
C GLU C 194 -26.72 2.94 9.90
N ILE C 195 -26.57 1.78 10.50
CA ILE C 195 -27.64 0.77 10.59
C ILE C 195 -28.62 1.24 11.67
N LEU C 196 -29.82 1.63 11.25
CA LEU C 196 -30.90 2.06 12.17
C LEU C 196 -31.48 0.89 12.96
N SER C 197 -31.58 -0.28 12.34
CA SER C 197 -32.19 -1.47 12.96
C SER C 197 -31.80 -2.70 12.12
N HIS C 198 -31.74 -3.85 12.80
CA HIS C 198 -31.44 -5.13 12.13
C HIS C 198 -31.98 -6.26 12.98
N ASP C 199 -32.24 -7.41 12.35
CA ASP C 199 -32.62 -8.61 13.10
C ASP C 199 -31.34 -9.38 13.42
N LYS C 200 -31.48 -10.53 14.07
CA LYS C 200 -30.35 -11.25 14.72
C LYS C 200 -29.15 -11.43 13.76
N ASP C 201 -29.41 -11.95 12.56
CA ASP C 201 -28.33 -12.34 11.63
C ASP C 201 -28.27 -11.33 10.48
N TYR C 202 -28.89 -10.16 10.64
CA TYR C 202 -28.83 -9.08 9.62
C TYR C 202 -29.49 -9.53 8.31
N ASN C 203 -30.41 -10.46 8.40
CA ASN C 203 -31.26 -10.84 7.24
C ASN C 203 -32.12 -9.64 6.84
N ASN C 204 -32.50 -8.80 7.81
CA ASN C 204 -33.30 -7.56 7.57
C ASN C 204 -32.54 -6.40 8.22
N VAL C 205 -32.23 -5.37 7.44
CA VAL C 205 -31.42 -4.20 7.88
C VAL C 205 -32.13 -2.94 7.39
N LYS C 206 -32.29 -1.94 8.24
CA LYS C 206 -32.68 -0.57 7.84
C LYS C 206 -31.42 0.28 7.94
N LEU C 207 -31.07 0.91 6.82
CA LEU C 207 -29.79 1.64 6.66
C LEU C 207 -30.10 3.11 6.36
N TYR C 208 -29.22 4.00 6.81
CA TYR C 208 -29.37 5.46 6.65
C TYR C 208 -28.02 6.08 6.30
N GLU C 209 -28.01 7.06 5.39
CA GLU C 209 -26.79 7.83 5.05
C GLU C 209 -27.17 9.29 4.96
N HIS C 210 -26.25 10.15 5.41
CA HIS C 210 -26.29 11.61 5.21
C HIS C 210 -24.95 11.97 4.59
N ALA C 211 -24.93 12.83 3.59
CA ALA C 211 -23.70 13.22 2.89
C ALA C 211 -23.81 14.67 2.45
N VAL C 212 -22.74 15.44 2.65
CA VAL C 212 -22.76 16.88 2.31
C VAL C 212 -21.41 17.25 1.69
N ALA C 213 -21.44 17.87 0.52
CA ALA C 213 -20.21 18.27 -0.18
C ALA C 213 -19.80 19.67 0.30
N HIS C 214 -18.50 19.94 0.29
CA HIS C 214 -17.92 21.23 0.70
C HIS C 214 -16.49 21.39 0.16
N SER C 215 -15.92 22.57 0.38
CA SER C 215 -14.62 22.98 -0.21
C SER C 215 -13.52 23.00 0.86
N GLY C 216 -13.83 22.51 2.04
CA GLY C 216 -12.85 22.45 3.14
C GLY C 216 -12.59 23.78 3.79
N LEU C 217 -11.54 23.85 4.59
CA LEU C 217 -11.26 25.01 5.44
C LEU C 217 -10.78 26.12 4.53
N PRO C 218 -11.35 27.33 4.62
CA PRO C 218 -10.78 28.47 3.91
C PRO C 218 -9.44 28.84 4.55
N SER D 2 -2.65 26.48 29.14
CA SER D 2 -2.45 27.38 30.36
C SER D 2 -1.02 27.93 30.42
N VAL D 3 0.00 27.09 30.27
CA VAL D 3 1.32 27.54 29.73
C VAL D 3 1.11 27.87 28.24
N ILE D 4 0.03 27.36 27.65
CA ILE D 4 -0.38 27.72 26.26
C ILE D 4 -1.19 29.02 26.28
N LYS D 5 -0.59 30.09 25.79
CA LYS D 5 -1.17 31.46 25.76
C LYS D 5 -1.80 31.72 24.39
N SER D 6 -2.53 32.84 24.28
CA SER D 6 -3.27 33.20 23.05
CA SER D 6 -3.27 33.23 23.06
C SER D 6 -2.29 33.51 21.92
N ASP D 7 -1.11 34.05 22.26
CA ASP D 7 -0.06 34.38 21.27
C ASP D 7 1.21 33.63 21.67
N MET D 8 1.79 32.85 20.78
CA MET D 8 3.02 32.07 21.09
CA MET D 8 3.05 32.16 21.12
C MET D 8 4.00 32.23 19.94
N LYS D 9 5.28 32.00 20.21
CA LYS D 9 6.34 32.07 19.19
C LYS D 9 6.81 30.66 18.84
N ILE D 10 7.44 30.54 17.68
CA ILE D 10 7.92 29.25 17.16
C ILE D 10 9.34 29.44 16.64
N LYS D 11 10.19 28.47 16.91
CA LYS D 11 11.57 28.38 16.37
C LYS D 11 11.75 26.93 15.96
N LEU D 12 12.36 26.71 14.80
CA LEU D 12 12.61 25.32 14.36
C LEU D 12 13.91 25.16 13.60
N ARG D 13 14.42 23.93 13.61
CA ARG D 13 15.53 23.55 12.74
CA ARG D 13 15.53 23.55 12.73
C ARG D 13 15.20 22.19 12.13
N MET D 14 15.19 22.14 10.81
CA MET D 14 15.04 20.88 10.08
C MET D 14 16.41 20.54 9.49
N GLU D 15 16.85 19.30 9.68
CA GLU D 15 17.99 18.73 8.92
CA GLU D 15 18.00 18.70 8.97
C GLU D 15 17.44 17.54 8.15
N GLY D 16 17.86 17.37 6.91
CA GLY D 16 17.29 16.27 6.15
C GLY D 16 18.02 15.96 4.87
N THR D 17 17.51 14.95 4.15
CA THR D 17 18.10 14.47 2.89
C THR D 17 16.93 14.07 2.02
N VAL D 18 16.88 14.55 0.80
CA VAL D 18 15.91 14.06 -0.22
C VAL D 18 16.68 13.68 -1.48
N ASN D 19 16.53 12.44 -1.96
CA ASN D 19 17.21 12.01 -3.20
C ASN D 19 18.72 12.12 -2.97
N GLY D 20 19.22 11.97 -1.75
CA GLY D 20 20.66 12.13 -1.47
C GLY D 20 21.11 13.55 -1.21
N HIS D 21 20.26 14.54 -1.41
CA HIS D 21 20.68 15.96 -1.27
C HIS D 21 20.46 16.38 0.19
N LYS D 22 21.53 16.79 0.86
CA LYS D 22 21.49 17.20 2.27
C LYS D 22 21.07 18.67 2.36
N PHE D 23 20.32 19.00 3.41
CA PHE D 23 19.93 20.40 3.64
C PHE D 23 19.65 20.64 5.10
N VAL D 24 19.66 21.92 5.47
CA VAL D 24 19.24 22.43 6.78
C VAL D 24 18.40 23.66 6.56
N ILE D 25 17.24 23.70 7.19
CA ILE D 25 16.36 24.89 7.12
C ILE D 25 16.06 25.33 8.56
N GLU D 26 16.09 26.63 8.78
CA GLU D 26 15.73 27.21 10.09
C GLU D 26 14.48 28.06 9.92
N GLY D 27 13.64 28.10 10.95
CA GLY D 27 12.34 28.78 10.91
C GLY D 27 12.12 29.58 12.15
N GLU D 28 11.51 30.74 12.05
CA GLU D 28 10.99 31.51 13.22
C GLU D 28 9.60 32.01 12.83
N GLY D 29 8.67 31.96 13.77
CA GLY D 29 7.29 32.31 13.49
C GLY D 29 6.53 32.64 14.74
N GLU D 30 5.22 32.71 14.58
CA GLU D 30 4.28 33.02 15.67
C GLU D 30 2.97 32.33 15.33
N GLY D 31 2.09 32.22 16.31
CA GLY D 31 0.76 31.66 16.04
C GLY D 31 -0.18 31.88 17.19
N LYS D 32 -1.41 31.47 16.96
CA LYS D 32 -2.55 31.64 17.86
C LYS D 32 -3.07 30.25 18.15
N PRO D 33 -2.57 29.57 19.19
CA PRO D 33 -2.93 28.17 19.40
C PRO D 33 -4.45 27.94 19.47
N TYR D 34 -5.22 28.84 20.09
CA TYR D 34 -6.69 28.65 20.28
C TYR D 34 -7.45 29.03 19.03
N GLU D 35 -6.83 29.73 18.08
CA GLU D 35 -7.48 30.03 16.79
C GLU D 35 -7.07 28.99 15.74
N GLY D 36 -6.07 28.17 16.02
CA GLY D 36 -5.54 27.20 15.06
C GLY D 36 -4.85 27.83 13.87
N THR D 37 -4.10 28.92 14.11
CA THR D 37 -3.33 29.57 13.01
C THR D 37 -1.88 29.72 13.40
N GLN D 38 -1.00 29.68 12.40
CA GLN D 38 0.42 30.03 12.61
C GLN D 38 1.04 30.48 11.30
N THR D 39 2.09 31.31 11.42
CA THR D 39 2.85 31.86 10.27
CA THR D 39 2.86 31.89 10.30
C THR D 39 4.34 31.68 10.58
N MET D 40 5.13 31.35 9.56
CA MET D 40 6.57 31.15 9.79
C MET D 40 7.40 31.72 8.67
N ASN D 41 8.56 32.24 9.02
CA ASN D 41 9.61 32.57 8.05
C ASN D 41 10.63 31.43 8.04
N LEU D 42 10.89 30.88 6.86
CA LEU D 42 11.85 29.74 6.70
C LEU D 42 13.01 30.14 5.78
N LYS D 43 14.22 29.77 6.18
CA LYS D 43 15.44 30.11 5.45
C LYS D 43 16.26 28.85 5.29
N VAL D 44 16.62 28.53 4.06
CA VAL D 44 17.60 27.45 3.80
C VAL D 44 18.97 27.92 4.27
N LYS D 45 19.57 27.15 5.15
CA LYS D 45 20.88 27.48 5.75
C LYS D 45 21.97 26.67 5.06
N GLU D 46 21.67 25.43 4.66
CA GLU D 46 22.64 24.54 3.96
C GLU D 46 21.90 23.81 2.85
N GLY D 47 22.58 23.62 1.72
CA GLY D 47 22.01 22.83 0.63
C GLY D 47 21.24 23.66 -0.40
N ALA D 48 21.31 24.99 -0.37
CA ALA D 48 20.68 25.82 -1.43
C ALA D 48 21.42 25.61 -2.74
N PRO D 49 20.74 25.66 -3.90
CA PRO D 49 19.27 25.67 -3.97
C PRO D 49 18.72 24.25 -3.86
N LEU D 50 17.57 24.09 -3.21
CA LEU D 50 17.00 22.73 -3.07
C LEU D 50 16.62 22.21 -4.46
N PRO D 51 16.92 20.94 -4.79
CA PRO D 51 16.62 20.45 -6.13
C PRO D 51 15.27 19.76 -6.21
N PHE D 52 14.42 19.92 -5.21
CA PHE D 52 13.11 19.23 -5.12
C PHE D 52 12.03 20.22 -4.71
N ALA D 53 10.77 19.81 -4.89
CA ALA D 53 9.57 20.61 -4.56
C ALA D 53 9.48 20.97 -3.09
N TYR D 54 9.57 22.26 -2.77
CA TYR D 54 9.51 22.73 -1.37
C TYR D 54 8.25 22.23 -0.69
N ASP D 55 7.16 22.14 -1.44
CA ASP D 55 5.89 21.68 -0.84
C ASP D 55 6.05 20.37 -0.07
N ILE D 56 6.99 19.46 -0.39
CA ILE D 56 7.04 18.17 0.37
C ILE D 56 7.43 18.47 1.81
N LEU D 57 8.01 19.61 2.12
CA LEU D 57 8.51 19.95 3.50
C LEU D 57 7.45 20.62 4.35
N THR D 58 6.47 21.29 3.74
CA THR D 58 5.76 22.36 4.46
C THR D 58 4.94 21.81 5.62
N THR D 59 4.33 20.64 5.47
CA THR D 59 3.50 20.09 6.58
C THR D 59 4.39 19.57 7.70
N VAL D 60 5.70 19.50 7.50
CA VAL D 60 6.61 19.10 8.61
C VAL D 60 6.98 20.33 9.42
N PHE D 61 7.12 21.48 8.76
CA PHE D 61 7.20 22.76 9.48
C PHE D 61 5.93 23.08 10.24
C11 CR8 D 62 -2.31 19.56 6.06
C12 CR8 D 62 -1.64 20.72 6.51
C4 CR8 D 62 -2.09 18.35 6.79
C5 CR8 D 62 -1.28 18.34 7.89
C6 CR8 D 62 -0.81 20.68 7.61
C7 CR8 D 62 -0.62 19.49 8.32
C8 CR8 D 62 0.24 19.29 9.49
CA2 CR8 D 62 1.26 20.19 10.01
C10 CR8 D 62 3.24 27.66 9.16
O13 CR8 D 62 -3.15 19.58 5.04
N11 CR8 D 62 4.12 27.45 10.11
C2 CR8 D 62 2.16 19.77 11.07
N3 CR8 D 62 3.03 20.81 11.21
C1 CR8 D 62 2.67 21.82 10.28
N2 CR8 D 62 1.60 21.46 9.58
C20 CR8 D 62 2.70 24.11 9.30
C21 CR8 D 62 3.17 25.50 9.47
N22 CR8 D 62 2.64 26.54 8.74
C23 CR8 D 62 4.09 26.06 10.32
O2 CR8 D 62 2.22 18.71 11.73
N1 CR8 D 62 4.79 22.82 9.63
CA1 CR8 D 62 3.44 23.10 10.17
C3 CR8 D 62 3.98 20.72 13.52
CA3 CR8 D 62 4.26 20.76 12.02
O3 CR8 D 62 4.82 20.17 14.24
N ASN D 63 2.87 21.25 14.02
CA ASN D 63 2.64 21.25 15.46
C ASN D 63 1.15 21.41 15.70
N ARG D 64 0.46 20.31 16.02
CA ARG D 64 -1.01 20.31 16.24
C ARG D 64 -1.44 21.12 17.49
N VAL D 65 -0.55 21.69 18.31
CA VAL D 65 -0.94 22.75 19.26
C VAL D 65 -1.75 23.84 18.50
N PHE D 66 -1.36 24.15 17.27
CA PHE D 66 -2.00 25.20 16.46
C PHE D 66 -3.21 24.62 15.72
N THR D 67 -4.21 24.27 16.53
CA THR D 67 -5.47 23.66 16.07
C THR D 67 -6.58 24.21 16.95
N LYS D 68 -7.66 24.70 16.38
CA LYS D 68 -8.82 25.13 17.19
C LYS D 68 -9.58 23.87 17.60
N TYR D 69 -9.51 23.52 18.88
CA TYR D 69 -10.21 22.35 19.46
C TYR D 69 -11.47 22.83 20.15
N PRO D 70 -12.64 22.25 19.81
CA PRO D 70 -13.87 22.57 20.55
C PRO D 70 -13.86 21.89 21.93
N LYS D 71 -14.64 22.44 22.86
CA LYS D 71 -14.63 22.02 24.29
C LYS D 71 -14.91 20.53 24.40
N HIS D 72 -15.71 19.92 23.52
CA HIS D 72 -16.21 18.53 23.67
C HIS D 72 -15.17 17.52 23.18
N ILE D 73 -14.08 17.94 22.52
CA ILE D 73 -12.99 17.01 22.10
C ILE D 73 -11.76 17.31 22.95
N PRO D 74 -11.26 16.33 23.74
CA PRO D 74 -9.99 16.51 24.44
C PRO D 74 -8.86 16.87 23.46
N ASP D 75 -8.11 17.88 23.88
CA ASP D 75 -7.00 18.47 23.09
C ASP D 75 -5.71 17.81 23.56
N TYR D 76 -5.33 16.70 22.93
CA TYR D 76 -4.11 15.93 23.31
C TYR D 76 -2.89 16.85 23.32
N PHE D 77 -2.82 17.80 22.37
CA PHE D 77 -1.62 18.60 22.09
C PHE D 77 -1.45 19.68 23.14
N LYS D 78 -2.50 20.43 23.47
CA LYS D 78 -2.30 21.53 24.41
C LYS D 78 -2.15 20.93 25.81
N GLN D 79 -2.82 19.81 26.07
CA GLN D 79 -2.72 19.11 27.38
C GLN D 79 -1.29 18.58 27.58
N SER D 80 -0.50 18.38 26.52
CA SER D 80 0.81 17.69 26.63
C SER D 80 1.85 18.66 27.22
N PHE D 81 1.57 19.96 27.27
CA PHE D 81 2.50 21.00 27.75
C PHE D 81 2.26 21.22 29.23
N PRO D 82 3.28 21.61 30.04
CA PRO D 82 4.61 22.03 29.55
C PRO D 82 5.61 20.94 29.13
N GLU D 83 5.33 19.68 29.43
CA GLU D 83 6.31 18.59 29.23
C GLU D 83 6.55 18.40 27.73
N GLY D 84 5.52 18.56 26.93
CA GLY D 84 5.58 18.55 25.46
C GLY D 84 5.35 17.19 24.86
N TYR D 85 5.62 17.06 23.56
CA TYR D 85 5.27 15.83 22.81
C TYR D 85 6.15 15.77 21.58
N SER D 86 6.17 14.60 20.98
CA SER D 86 6.87 14.37 19.71
C SER D 86 5.88 13.73 18.76
N TRP D 87 6.20 13.82 17.49
CA TRP D 87 5.46 13.09 16.47
C TRP D 87 6.41 12.54 15.44
N GLU D 88 5.93 11.47 14.79
CA GLU D 88 6.63 10.80 13.67
CA GLU D 88 6.62 10.79 13.67
C GLU D 88 5.62 10.66 12.53
N ARG D 89 6.09 10.71 11.28
CA ARG D 89 5.20 10.67 10.14
C ARG D 89 5.85 9.89 9.02
N SER D 90 5.02 9.17 8.31
CA SER D 90 5.35 8.63 6.97
C SER D 90 4.47 9.32 5.94
N MET D 91 5.07 9.65 4.80
CA MET D 91 4.40 10.23 3.63
C MET D 91 4.62 9.27 2.48
N THR D 92 3.55 8.57 2.07
CA THR D 92 3.62 7.57 0.99
C THR D 92 3.01 8.22 -0.24
N PHE D 93 3.86 8.62 -1.17
CA PHE D 93 3.40 9.23 -2.44
C PHE D 93 2.97 8.14 -3.41
N GLU D 94 2.08 8.48 -4.35
CA GLU D 94 1.46 7.47 -5.25
C GLU D 94 2.46 6.95 -6.29
N ASP D 95 3.61 7.62 -6.51
CA ASP D 95 4.63 7.13 -7.48
C ASP D 95 5.82 6.42 -6.79
N GLY D 96 5.68 6.10 -5.52
CA GLY D 96 6.72 5.36 -4.78
C GLY D 96 7.66 6.24 -3.97
N GLY D 97 7.60 7.56 -4.10
CA GLY D 97 8.38 8.41 -3.21
C GLY D 97 7.90 8.24 -1.78
N ILE D 98 8.82 8.09 -0.84
CA ILE D 98 8.48 7.93 0.59
C ILE D 98 9.31 8.89 1.40
N CYS D 99 8.65 9.62 2.30
CA CYS D 99 9.36 10.43 3.28
C CYS D 99 9.05 9.93 4.69
N THR D 100 10.05 10.02 5.53
CA THR D 100 9.91 9.92 6.99
C THR D 100 10.24 11.27 7.60
N ALA D 101 9.51 11.63 8.62
CA ALA D 101 9.77 12.89 9.34
C ALA D 101 9.47 12.71 10.83
N ARG D 102 10.11 13.55 11.61
CA ARG D 102 9.82 13.58 13.05
C ARG D 102 10.03 15.00 13.54
N ASN D 103 9.35 15.32 14.62
CA ASN D 103 9.54 16.61 15.31
C ASN D 103 9.50 16.35 16.82
N ASP D 104 10.50 16.79 17.55
CA ASP D 104 10.47 16.78 19.04
C ASP D 104 10.18 18.22 19.46
N ILE D 105 9.04 18.43 20.08
CA ILE D 105 8.54 19.80 20.38
C ILE D 105 8.68 20.06 21.87
N THR D 106 9.40 21.13 22.19
CA THR D 106 9.60 21.63 23.56
C THR D 106 9.10 23.08 23.64
N LEU D 107 8.84 23.52 24.86
CA LEU D 107 8.34 24.86 25.19
C LEU D 107 9.25 25.50 26.22
N GLU D 108 9.77 26.68 25.87
CA GLU D 108 10.63 27.50 26.75
C GLU D 108 10.03 28.89 26.71
N GLY D 109 9.48 29.33 27.83
CA GLY D 109 8.84 30.65 27.93
C GLY D 109 7.66 30.64 26.97
N ASP D 110 7.55 31.58 26.04
CA ASP D 110 6.36 31.58 25.14
C ASP D 110 6.72 30.98 23.78
N CYS D 111 7.83 30.25 23.66
CA CYS D 111 8.36 29.81 22.35
C CYS D 111 8.39 28.28 22.28
N PHE D 112 7.78 27.70 21.25
CA PHE D 112 7.93 26.27 20.95
C PHE D 112 9.24 26.10 20.18
N PHE D 113 10.00 25.07 20.53
CA PHE D 113 11.23 24.68 19.81
C PHE D 113 10.99 23.34 19.14
N ASN D 114 11.44 23.23 17.90
CA ASN D 114 11.07 22.10 17.02
C ASN D 114 12.35 21.51 16.44
N GLU D 115 12.72 20.30 16.88
CA GLU D 115 13.90 19.59 16.37
C GLU D 115 13.39 18.56 15.36
N ILE D 116 13.64 18.83 14.07
CA ILE D 116 13.01 18.10 12.96
C ILE D 116 14.05 17.36 12.12
N ARG D 117 13.74 16.12 11.79
CA ARG D 117 14.49 15.35 10.80
C ARG D 117 13.52 15.03 9.67
N PHE D 118 14.01 15.10 8.44
CA PHE D 118 13.19 14.80 7.24
C PHE D 118 14.06 13.97 6.28
N ASP D 119 13.53 12.86 5.78
CA ASP D 119 14.27 12.07 4.80
C ASP D 119 13.33 11.57 3.71
N GLY D 120 13.70 11.79 2.45
CA GLY D 120 12.89 11.35 1.33
C GLY D 120 13.69 10.48 0.35
N VAL D 121 13.07 9.40 -0.08
CA VAL D 121 13.71 8.42 -0.96
C VAL D 121 12.78 8.07 -2.14
N ASN D 122 13.40 7.57 -3.20
CA ASN D 122 12.74 6.89 -4.34
C ASN D 122 11.78 7.84 -5.07
N PHE D 123 12.08 9.14 -5.10
CA PHE D 123 11.30 10.03 -6.00
C PHE D 123 11.78 9.81 -7.42
N PRO D 124 10.88 9.51 -8.37
CA PRO D 124 11.28 9.38 -9.77
C PRO D 124 11.92 10.65 -10.31
N PRO D 125 13.02 10.54 -11.07
CA PRO D 125 13.75 11.74 -11.48
C PRO D 125 12.90 12.71 -12.32
N ASN D 126 11.93 12.18 -13.06
CA ASN D 126 11.06 13.04 -13.92
C ASN D 126 9.69 13.22 -13.27
N GLY D 127 9.54 12.87 -11.99
CA GLY D 127 8.26 13.08 -11.31
C GLY D 127 8.13 14.54 -10.84
N PRO D 128 6.96 14.89 -10.31
CA PRO D 128 6.63 16.28 -10.00
C PRO D 128 7.45 16.82 -8.82
N VAL D 129 7.96 15.95 -7.95
CA VAL D 129 8.81 16.45 -6.84
C VAL D 129 10.20 16.81 -7.36
N MET D 130 10.87 15.95 -8.13
CA MET D 130 12.25 16.31 -8.57
C MET D 130 12.19 17.36 -9.70
N GLN D 131 11.08 17.44 -10.43
CA GLN D 131 10.93 18.45 -11.51
C GLN D 131 10.27 19.74 -10.98
N LYS D 132 9.93 19.82 -9.70
CA LYS D 132 9.33 21.05 -9.08
C LYS D 132 8.08 21.49 -9.87
N LYS D 133 7.14 20.58 -10.06
CA LYS D 133 5.86 20.80 -10.80
C LYS D 133 4.66 20.89 -9.83
N THR D 134 4.87 21.07 -8.53
CA THR D 134 3.77 21.19 -7.55
C THR D 134 3.35 22.66 -7.39
N LEU D 135 2.06 22.88 -7.15
CA LEU D 135 1.55 24.26 -6.96
C LEU D 135 1.23 24.49 -5.48
N LYS D 136 0.58 23.55 -4.84
CA LYS D 136 0.12 23.75 -3.45
C LYS D 136 -0.46 22.41 -2.97
N TRP D 137 -0.51 22.22 -1.65
CA TRP D 137 -1.38 21.19 -1.06
C TRP D 137 -2.82 21.66 -1.13
N GLU D 138 -3.71 20.75 -1.47
CA GLU D 138 -5.16 20.97 -1.26
C GLU D 138 -5.46 20.98 0.23
N PRO D 139 -6.55 21.62 0.66
CA PRO D 139 -7.03 21.43 2.02
C PRO D 139 -7.22 19.93 2.27
N SER D 140 -7.30 19.58 3.55
CA SER D 140 -7.41 18.15 3.90
C SER D 140 -8.22 17.99 5.19
N THR D 141 -8.66 16.75 5.43
CA THR D 141 -9.25 16.35 6.71
C THR D 141 -8.47 15.13 7.23
N GLU D 142 -7.83 15.33 8.37
CA GLU D 142 -7.05 14.26 9.08
C GLU D 142 -8.00 13.46 9.99
N LYS D 143 -7.91 12.13 9.95
CA LYS D 143 -8.72 11.22 10.79
C LYS D 143 -7.86 10.85 12.00
N MET D 144 -8.29 11.25 13.21
CA MET D 144 -7.51 11.12 14.46
C MET D 144 -8.12 10.02 15.29
N TYR D 145 -7.31 9.06 15.76
CA TYR D 145 -7.85 7.92 16.51
C TYR D 145 -6.72 7.33 17.33
N VAL D 146 -7.09 6.68 18.42
CA VAL D 146 -6.10 6.01 19.29
C VAL D 146 -5.84 4.61 18.78
N ARG D 147 -4.57 4.20 18.63
CA ARG D 147 -4.15 2.86 18.13
C ARG D 147 -3.16 2.24 19.14
N ASP D 148 -3.65 1.32 19.95
CA ASP D 148 -2.86 0.63 21.01
C ASP D 148 -2.17 1.72 21.82
N GLY D 149 -2.94 2.73 22.23
CA GLY D 149 -2.51 3.80 23.12
C GLY D 149 -1.80 4.94 22.40
N VAL D 150 -1.56 4.86 21.08
CA VAL D 150 -0.82 5.89 20.32
C VAL D 150 -1.86 6.72 19.56
N LEU D 151 -1.96 8.02 19.84
CA LEU D 151 -2.79 8.90 18.96
C LEU D 151 -2.22 9.00 17.55
N THR D 152 -3.05 8.64 16.57
CA THR D 152 -2.67 8.43 15.17
C THR D 152 -3.52 9.33 14.27
N GLY D 153 -2.90 10.00 13.31
CA GLY D 153 -3.65 10.74 12.28
C GLY D 153 -3.36 10.18 10.92
N ASP D 154 -4.41 9.86 10.16
CA ASP D 154 -4.28 9.43 8.75
C ASP D 154 -4.84 10.54 7.85
N ILE D 155 -4.19 10.83 6.74
CA ILE D 155 -4.70 11.87 5.81
C ILE D 155 -4.49 11.44 4.37
N ASN D 156 -5.53 11.63 3.57
CA ASN D 156 -5.42 11.61 2.11
C ASN D 156 -5.03 13.01 1.66
N MET D 157 -3.75 13.21 1.33
CA MET D 157 -3.25 14.53 0.91
C MET D 157 -3.10 14.56 -0.60
N ALA D 158 -3.15 15.76 -1.18
CA ALA D 158 -3.00 15.90 -2.64
C ALA D 158 -2.27 17.19 -2.96
N LEU D 159 -1.25 17.09 -3.81
CA LEU D 159 -0.62 18.29 -4.39
C LEU D 159 -1.31 18.59 -5.72
N LEU D 160 -1.74 19.81 -5.88
CA LEU D 160 -2.18 20.31 -7.20
C LEU D 160 -0.95 20.47 -8.09
N LEU D 161 -1.06 20.08 -9.35
CA LEU D 161 0.13 20.06 -10.25
C LEU D 161 0.04 21.06 -11.37
N GLU D 162 1.24 21.40 -11.90
CA GLU D 162 1.34 22.00 -13.25
C GLU D 162 0.62 21.04 -14.21
N GLY D 163 -0.31 21.57 -15.00
CA GLY D 163 -1.17 20.69 -15.84
C GLY D 163 -2.57 20.41 -15.25
N GLY D 164 -2.83 20.64 -13.96
CA GLY D 164 -4.21 20.61 -13.36
C GLY D 164 -4.61 19.28 -12.70
N GLY D 165 -3.76 18.28 -12.84
CA GLY D 165 -3.99 17.06 -12.06
C GLY D 165 -3.55 17.21 -10.63
N HIS D 166 -3.65 16.09 -9.94
CA HIS D 166 -3.26 15.98 -8.54
C HIS D 166 -2.25 14.84 -8.38
N TYR D 167 -1.38 15.04 -7.43
CA TYR D 167 -0.36 14.05 -7.00
C TYR D 167 -0.63 13.68 -5.55
N ARG D 168 -1.07 12.44 -5.35
CA ARG D 168 -1.59 11.94 -4.07
C ARG D 168 -0.46 11.48 -3.15
N CYS D 169 -0.70 11.72 -1.86
CA CYS D 169 0.18 11.27 -0.79
C CYS D 169 -0.67 10.84 0.41
N ASP D 170 -0.32 9.70 1.01
CA ASP D 170 -0.98 9.26 2.24
C ASP D 170 -0.08 9.50 3.43
N PHE D 171 -0.59 10.26 4.40
CA PHE D 171 0.12 10.57 5.65
C PHE D 171 -0.34 9.61 6.75
N LYS D 172 0.59 9.09 7.55
CA LYS D 172 0.27 8.50 8.86
C LYS D 172 1.20 9.16 9.88
N THR D 173 0.63 9.83 10.85
CA THR D 173 1.36 10.51 11.92
C THR D 173 1.01 9.85 13.26
N THR D 174 2.03 9.60 14.06
CA THR D 174 1.86 9.13 15.45
C THR D 174 2.30 10.24 16.37
N TYR D 175 1.46 10.58 17.31
CA TYR D 175 1.67 11.71 18.25
C TYR D 175 1.82 11.14 19.64
N LYS D 176 2.89 11.51 20.33
CA LYS D 176 3.20 10.90 21.65
CA LYS D 176 3.22 10.90 21.65
C LYS D 176 3.55 12.00 22.67
N ALA D 177 2.65 12.22 23.62
CA ALA D 177 2.87 13.14 24.77
C ALA D 177 3.99 12.60 25.66
N LYS D 178 4.81 13.48 26.26
CA LYS D 178 5.91 13.04 27.17
C LYS D 178 5.33 12.48 28.46
N LYS D 179 4.15 12.96 28.88
CA LYS D 179 3.38 12.55 30.09
C LYS D 179 2.00 12.05 29.65
N GLY D 180 1.36 11.20 30.46
CA GLY D 180 -0.04 10.75 30.33
C GLY D 180 -0.99 11.94 30.19
N VAL D 181 -1.83 11.92 29.16
CA VAL D 181 -2.83 12.99 28.88
C VAL D 181 -4.17 12.31 28.57
N GLN D 182 -5.29 12.95 28.85
CA GLN D 182 -6.64 12.44 28.47
C GLN D 182 -6.67 12.17 26.96
N LEU D 183 -6.99 10.94 26.51
CA LEU D 183 -7.05 10.67 25.05
C LEU D 183 -8.42 11.05 24.51
N PRO D 184 -8.45 11.61 23.29
CA PRO D 184 -9.72 11.86 22.61
C PRO D 184 -10.31 10.63 21.94
N ASP D 185 -11.63 10.67 21.70
CA ASP D 185 -12.31 9.68 20.83
C ASP D 185 -11.97 10.00 19.36
N TYR D 186 -12.31 9.10 18.46
CA TYR D 186 -12.20 9.34 17.01
C TYR D 186 -12.75 10.72 16.66
N HIS D 187 -11.97 11.49 15.92
CA HIS D 187 -12.37 12.86 15.47
C HIS D 187 -11.53 13.25 14.26
N PHE D 188 -11.71 14.50 13.85
CA PHE D 188 -11.16 15.01 12.59
C PHE D 188 -10.46 16.30 12.85
N VAL D 189 -9.47 16.60 12.01
CA VAL D 189 -8.82 17.93 11.98
C VAL D 189 -8.81 18.37 10.51
N ASP D 190 -9.48 19.49 10.23
CA ASP D 190 -9.43 20.13 8.89
C ASP D 190 -8.16 20.97 8.85
N HIS D 191 -7.52 21.03 7.69
CA HIS D 191 -6.29 21.80 7.50
C HIS D 191 -6.38 22.60 6.20
N CYS D 192 -5.67 23.72 6.18
CA CYS D 192 -5.33 24.45 4.95
C CYS D 192 -3.91 24.94 5.18
N ILE D 193 -2.99 24.67 4.27
CA ILE D 193 -1.61 25.18 4.40
C ILE D 193 -1.27 25.89 3.11
N GLU D 194 -0.58 27.00 3.23
CA GLU D 194 -0.26 27.82 2.04
C GLU D 194 1.11 28.46 2.16
N ILE D 195 1.88 28.43 1.09
CA ILE D 195 3.08 29.29 0.93
C ILE D 195 2.55 30.66 0.56
N LEU D 196 2.66 31.61 1.48
CA LEU D 196 2.21 32.99 1.24
C LEU D 196 3.14 33.66 0.24
N SER D 197 4.42 33.45 0.37
CA SER D 197 5.38 34.11 -0.55
C SER D 197 6.70 33.33 -0.51
N HIS D 198 7.48 33.49 -1.57
CA HIS D 198 8.78 32.80 -1.65
C HIS D 198 9.66 33.54 -2.64
N ASP D 199 10.97 33.35 -2.54
CA ASP D 199 11.93 33.78 -3.56
C ASP D 199 12.10 32.63 -4.58
N LYS D 200 12.81 32.93 -5.67
CA LYS D 200 12.76 32.05 -6.88
C LYS D 200 13.18 30.61 -6.54
N ASP D 201 14.19 30.41 -5.69
CA ASP D 201 14.67 29.04 -5.35
C ASP D 201 14.12 28.55 -4.00
N TYR D 202 13.14 29.24 -3.41
CA TYR D 202 12.51 28.86 -2.11
C TYR D 202 13.58 28.84 -0.99
N ASN D 203 14.69 29.57 -1.14
CA ASN D 203 15.63 29.83 -0.03
C ASN D 203 14.92 30.55 1.11
N ASN D 204 13.94 31.40 0.79
CA ASN D 204 13.20 32.20 1.78
C ASN D 204 11.72 32.01 1.50
N VAL D 205 10.99 31.53 2.49
CA VAL D 205 9.56 31.14 2.32
C VAL D 205 8.81 31.68 3.52
N LYS D 206 7.63 32.24 3.28
CA LYS D 206 6.67 32.55 4.34
C LYS D 206 5.49 31.59 4.24
N LEU D 207 5.17 30.94 5.35
CA LEU D 207 4.26 29.77 5.38
C LEU D 207 3.14 30.05 6.35
N TYR D 208 1.93 29.63 6.02
CA TYR D 208 0.73 29.78 6.89
C TYR D 208 -0.06 28.50 6.97
N GLU D 209 -0.56 28.18 8.17
CA GLU D 209 -1.46 27.01 8.35
C GLU D 209 -2.68 27.46 9.15
N HIS D 210 -3.82 26.90 8.82
CA HIS D 210 -5.06 26.99 9.60
C HIS D 210 -5.57 25.55 9.83
N ALA D 211 -5.93 25.24 11.07
CA ALA D 211 -6.42 23.89 11.42
C ALA D 211 -7.53 23.97 12.46
N VAL D 212 -8.58 23.18 12.27
CA VAL D 212 -9.78 23.19 13.12
C VAL D 212 -10.24 21.75 13.34
N ALA D 213 -10.36 21.33 14.60
CA ALA D 213 -10.86 19.97 14.96
C ALA D 213 -12.38 19.98 15.01
N HIS D 214 -12.97 18.84 14.71
CA HIS D 214 -14.43 18.64 14.73
C HIS D 214 -14.77 17.16 14.77
N SER D 215 -16.07 16.90 14.93
CA SER D 215 -16.66 15.57 15.14
C SER D 215 -17.27 15.01 13.86
N GLY D 216 -17.19 15.70 12.72
CA GLY D 216 -17.80 15.18 11.48
C GLY D 216 -19.30 15.34 11.48
N LEU D 217 -19.97 14.79 10.48
CA LEU D 217 -21.45 14.86 10.34
C LEU D 217 -22.10 14.11 11.49
N PRO D 218 -22.99 14.75 12.26
CA PRO D 218 -23.76 14.06 13.30
C PRO D 218 -24.63 12.88 12.80
N ARG D 219 -24.85 11.91 13.69
CA ARG D 219 -25.75 10.75 13.49
C ARG D 219 -27.21 11.23 13.48
N GLN D 220 -28.11 10.36 13.00
CA GLN D 220 -29.57 10.24 13.30
C GLN D 220 -30.34 10.40 11.99
N NO3 E . 33.08 -13.13 3.03
O1 NO3 E . 33.45 -13.28 1.86
O2 NO3 E . 33.85 -12.61 3.85
O3 NO3 E . 31.98 -13.52 3.39
C1 PEG F . 31.82 6.74 4.30
O1 PEG F . 32.50 7.61 3.43
C2 PEG F . 32.17 7.00 5.74
O2 PEG F . 32.00 5.81 6.50
C3 PEG F . 32.94 4.78 6.20
C4 PEG F . 33.90 4.59 7.34
O4 PEG F . 33.66 5.47 8.42
C1 PEG G . -17.24 -26.72 -11.37
O1 PEG G . -17.38 -28.13 -11.56
C2 PEG G . -16.20 -26.10 -12.27
O2 PEG G . -16.47 -26.42 -13.63
C3 PEG G . -15.38 -26.13 -14.52
C4 PEG G . -15.76 -26.48 -15.94
O4 PEG G . -16.93 -25.82 -16.37
N NO3 H . 2.02 -29.81 -19.64
O1 NO3 H . 2.50 -30.60 -18.80
O2 NO3 H . 1.03 -30.12 -20.33
O3 NO3 H . 2.54 -28.70 -19.83
N NO3 I . 4.38 -39.95 -9.33
O1 NO3 I . 3.66 -40.32 -10.24
O2 NO3 I . 5.41 -39.33 -9.56
O3 NO3 I . 4.05 -40.20 -8.17
C1 PEG J . -5.14 -22.56 -29.21
O1 PEG J . -6.23 -22.57 -28.34
C2 PEG J . -4.74 -21.17 -29.58
O2 PEG J . -5.31 -20.85 -30.85
C3 PEG J . -5.00 -19.53 -31.28
C4 PEG J . -4.82 -19.54 -32.76
O4 PEG J . -3.55 -19.05 -33.13
N NO3 K . -34.27 9.85 3.72
O1 NO3 K . -35.04 8.94 3.39
O2 NO3 K . -33.43 9.65 4.60
O3 NO3 K . -34.32 10.96 3.15
C1 PEG L . -38.07 -8.23 10.00
O1 PEG L . -38.24 -7.09 9.18
C2 PEG L . -37.54 -7.86 11.37
O2 PEG L . -36.25 -7.27 11.25
C3 PEG L . -36.11 -6.01 11.88
C4 PEG L . -35.05 -5.18 11.19
O4 PEG L . -35.53 -4.49 10.04
N NO3 M . -0.72 33.36 12.94
O1 NO3 M . -1.10 32.87 11.87
O2 NO3 M . 0.37 33.97 12.99
O3 NO3 M . -1.40 33.23 13.93
#